data_4LLV
#
_entry.id   4LLV
#
_cell.length_a   88.917
_cell.length_b   161.518
_cell.length_c   163.274
_cell.angle_alpha   90.00
_cell.angle_beta   90.00
_cell.angle_gamma   90.00
#
_symmetry.space_group_name_H-M   'C 2 2 21'
#
loop_
_entity.id
_entity.type
_entity.pdbx_description
1 polymer '4E10 Fv heavy chain'
2 polymer '4E10 Fv light chain'
3 non-polymer 'SULFATE ION'
4 non-polymer GLYCEROL
5 water water
#
loop_
_entity_poly.entity_id
_entity_poly.type
_entity_poly.pdbx_seq_one_letter_code
_entity_poly.pdbx_strand_id
1 'polypeptide(L)'
;GSQVQLVQSGAEVKRPGSSVTVSCKASGGSFSTYALSWVRQAPGRGLEWMGGVIPLLTITNYAPRFQGRITITADRSTST
AYLELNSLRPEDTAVYYCAREGTTGWGWLGKPIGAFAHWGQGTLVTVSS
;
A,C,E,H
2 'polypeptide(L)'
;EIVLTQSPGTQSLSPGERATLSCRASQSVGNNKLAWYQQRPGQAPRLLIYGASSRPSGVADRFSGSGSGTDFTLTISRLE
PEDFAVYYCQQYGQSLSTFGQGTKVEVKLVPR
;
B,D,F,L
#
# COMPACT_ATOMS: atom_id res chain seq x y z
N GLN A 3 10.56 -17.99 -9.37
CA GLN A 3 9.23 -18.15 -10.02
C GLN A 3 8.92 -16.99 -10.95
N VAL A 4 9.26 -15.77 -10.54
CA VAL A 4 8.99 -14.60 -11.38
C VAL A 4 9.83 -14.62 -12.65
N GLN A 5 9.20 -14.38 -13.80
CA GLN A 5 9.89 -14.25 -15.09
C GLN A 5 9.28 -13.10 -15.86
N LEU A 6 10.14 -12.31 -16.53
CA LEU A 6 9.69 -11.24 -17.40
C LEU A 6 10.15 -11.52 -18.81
N VAL A 7 9.21 -11.56 -19.75
CA VAL A 7 9.54 -11.79 -21.14
C VAL A 7 9.06 -10.64 -22.03
N GLN A 8 9.97 -10.15 -22.84
CA GLN A 8 9.69 -8.99 -23.67
C GLN A 8 9.45 -9.40 -25.12
N SER A 9 8.76 -8.55 -25.86
CA SER A 9 8.56 -8.76 -27.29
C SER A 9 9.88 -8.62 -28.06
N GLY A 10 9.88 -9.10 -29.29
CA GLY A 10 11.12 -9.22 -30.07
C GLY A 10 11.62 -7.92 -30.68
N ALA A 11 12.86 -7.94 -31.16
CA ALA A 11 13.52 -6.77 -31.73
C ALA A 11 12.71 -6.17 -32.87
N GLU A 12 12.79 -4.85 -33.00
CA GLU A 12 12.03 -4.15 -34.02
C GLU A 12 12.91 -3.14 -34.75
N VAL A 13 12.64 -2.99 -36.03
CA VAL A 13 13.27 -1.98 -36.85
C VAL A 13 12.20 -1.01 -37.33
N LYS A 14 12.42 0.28 -37.14
CA LYS A 14 11.40 1.29 -37.44
C LYS A 14 11.97 2.52 -38.10
N ARG A 15 11.19 3.13 -38.99
CA ARG A 15 11.61 4.37 -39.66
C ARG A 15 11.47 5.56 -38.71
N PRO A 16 12.27 6.61 -38.92
CA PRO A 16 12.12 7.85 -38.17
C PRO A 16 10.71 8.43 -38.28
N GLY A 17 10.20 8.97 -37.19
CA GLY A 17 8.86 9.55 -37.18
C GLY A 17 7.78 8.54 -36.87
N SER A 18 8.13 7.26 -36.92
CA SER A 18 7.15 6.22 -36.63
C SER A 18 7.08 5.96 -35.12
N SER A 19 6.05 5.24 -34.68
CA SER A 19 5.95 4.86 -33.29
C SER A 19 6.19 3.37 -33.16
N VAL A 20 6.61 2.95 -31.96
CA VAL A 20 6.72 1.53 -31.69
C VAL A 20 6.31 1.23 -30.27
N THR A 21 5.73 0.05 -30.06
CA THR A 21 5.31 -0.38 -28.74
C THR A 21 6.00 -1.69 -28.36
N VAL A 22 6.67 -1.67 -27.21
CA VAL A 22 7.37 -2.81 -26.70
C VAL A 22 6.57 -3.36 -25.52
N SER A 23 6.54 -4.69 -25.38
CA SER A 23 5.69 -5.32 -24.36
C SER A 23 6.56 -6.07 -23.37
N CYS A 24 6.06 -6.14 -22.14
CA CYS A 24 6.72 -6.89 -21.09
C CYS A 24 5.70 -7.68 -20.29
N LYS A 25 5.79 -9.01 -20.37
CA LYS A 25 4.83 -9.87 -19.72
C LYS A 25 5.46 -10.55 -18.50
N ALA A 26 4.83 -10.37 -17.34
CA ALA A 26 5.29 -10.95 -16.11
C ALA A 26 4.46 -12.14 -15.71
N SER A 27 5.13 -13.22 -15.35
CA SER A 27 4.48 -14.38 -14.76
C SER A 27 5.16 -14.78 -13.46
N GLY A 28 4.46 -15.54 -12.62
CA GLY A 28 4.99 -15.95 -11.32
C GLY A 28 4.90 -14.82 -10.32
N GLY A 29 5.45 -15.05 -9.12
CA GLY A 29 5.39 -14.03 -8.07
C GLY A 29 4.08 -14.05 -7.32
N SER A 30 3.88 -13.11 -6.41
CA SER A 30 2.62 -13.01 -5.66
C SER A 30 1.68 -12.01 -6.32
N PHE A 31 0.37 -12.23 -6.15
CA PHE A 31 -0.65 -11.24 -6.53
C PHE A 31 -0.54 -9.98 -5.64
N SER A 32 -0.03 -8.91 -6.22
CA SER A 32 0.51 -7.79 -5.44
C SER A 32 0.61 -6.54 -6.32
N THR A 33 0.75 -5.39 -5.68
CA THR A 33 0.90 -4.14 -6.41
C THR A 33 2.36 -3.89 -6.80
N TYR A 34 2.96 -4.85 -7.51
CA TYR A 34 4.30 -4.68 -8.10
C TYR A 34 4.25 -3.65 -9.22
N ALA A 35 5.40 -3.07 -9.53
CA ALA A 35 5.57 -2.23 -10.70
C ALA A 35 6.41 -2.89 -11.80
N LEU A 36 6.07 -2.61 -13.05
CA LEU A 36 6.95 -2.88 -14.18
C LEU A 36 7.48 -1.57 -14.69
N SER A 37 8.81 -1.42 -14.60
CA SER A 37 9.50 -0.18 -15.01
C SER A 37 10.24 -0.43 -16.31
N TRP A 38 10.45 0.64 -17.07
CA TRP A 38 11.22 0.56 -18.31
C TRP A 38 12.55 1.31 -18.16
N VAL A 39 13.61 0.67 -18.63
CA VAL A 39 14.95 1.19 -18.52
C VAL A 39 15.63 1.17 -19.89
N ARG A 40 16.19 2.30 -20.30
CA ARG A 40 16.85 2.41 -21.59
C ARG A 40 18.35 2.18 -21.48
N GLN A 41 18.91 1.46 -22.45
CA GLN A 41 20.35 1.37 -22.60
C GLN A 41 20.76 1.63 -24.05
N ALA A 42 21.28 2.81 -24.32
CA ALA A 42 21.79 3.14 -25.66
C ALA A 42 23.08 2.37 -25.93
N PRO A 43 23.42 2.16 -27.20
CA PRO A 43 24.61 1.39 -27.55
C PRO A 43 25.88 1.94 -26.88
N GLY A 44 26.60 1.08 -26.17
CA GLY A 44 27.86 1.48 -25.54
C GLY A 44 27.65 2.34 -24.30
N ARG A 45 26.41 2.47 -23.86
CA ARG A 45 26.07 3.49 -22.86
C ARG A 45 25.42 2.86 -21.64
N GLY A 46 25.05 3.71 -20.69
CA GLY A 46 24.61 3.24 -19.40
C GLY A 46 23.09 3.06 -19.35
N LEU A 47 22.59 2.85 -18.15
CA LEU A 47 21.18 2.54 -17.94
C LEU A 47 20.44 3.79 -17.49
N GLU A 48 19.22 3.95 -17.97
CA GLU A 48 18.39 5.10 -17.60
C GLU A 48 16.94 4.69 -17.36
N TRP A 49 16.43 5.00 -16.18
CA TRP A 49 15.04 4.75 -15.82
C TRP A 49 14.10 5.71 -16.54
N MET A 50 13.10 5.15 -17.24
CA MET A 50 12.19 5.93 -18.08
C MET A 50 10.82 6.17 -17.38
N GLY A 51 10.47 5.27 -16.48
CA GLY A 51 9.14 5.30 -15.86
C GLY A 51 8.63 3.89 -15.62
N GLY A 52 7.42 3.76 -15.12
CA GLY A 52 6.85 2.47 -14.78
C GLY A 52 5.34 2.51 -14.53
N VAL A 53 4.77 1.32 -14.34
CA VAL A 53 3.33 1.17 -14.13
C VAL A 53 3.08 0.04 -13.11
N ILE A 54 2.10 0.26 -12.24
CA ILE A 54 1.57 -0.79 -11.40
C ILE A 54 0.27 -1.33 -12.02
N PRO A 55 0.35 -2.48 -12.69
CA PRO A 55 -0.80 -2.97 -13.46
C PRO A 55 -2.07 -3.17 -12.64
N LEU A 56 -1.94 -3.60 -11.39
CA LEU A 56 -3.11 -3.86 -10.56
C LEU A 56 -3.95 -2.61 -10.32
N LEU A 57 -3.28 -1.46 -10.27
CA LEU A 57 -3.91 -0.23 -9.83
C LEU A 57 -3.99 0.81 -10.94
N THR A 58 -3.45 0.47 -12.11
CA THR A 58 -3.45 1.40 -13.23
C THR A 58 -2.84 2.74 -12.81
N ILE A 59 -1.67 2.67 -12.18
CA ILE A 59 -0.94 3.87 -11.81
C ILE A 59 0.36 3.92 -12.61
N THR A 60 0.58 5.03 -13.29
CA THR A 60 1.78 5.20 -14.09
C THR A 60 2.66 6.32 -13.54
N ASN A 61 3.95 6.20 -13.77
CA ASN A 61 4.96 7.05 -13.18
C ASN A 61 6.06 7.29 -14.24
N TYR A 62 6.37 8.54 -14.55
CA TYR A 62 7.32 8.83 -15.63
C TYR A 62 8.55 9.56 -15.08
N ALA A 63 9.71 9.27 -15.66
CA ALA A 63 10.85 10.17 -15.56
C ALA A 63 10.60 11.42 -16.42
N PRO A 64 10.80 12.60 -15.83
CA PRO A 64 10.51 13.85 -16.52
C PRO A 64 11.17 13.98 -17.91
N ARG A 65 12.41 13.51 -18.06
CA ARG A 65 13.14 13.68 -19.32
C ARG A 65 12.55 12.80 -20.42
N PHE A 66 11.78 11.79 -20.06
CA PHE A 66 11.12 10.94 -21.05
C PHE A 66 9.63 11.19 -21.20
N GLN A 67 9.05 11.92 -20.27
CA GLN A 67 7.60 11.98 -20.24
C GLN A 67 7.00 12.47 -21.56
N GLY A 68 7.61 13.46 -22.18
CA GLY A 68 7.01 14.09 -23.35
C GLY A 68 6.99 13.19 -24.59
N ARG A 69 7.81 12.15 -24.60
CA ARG A 69 8.02 11.36 -25.81
C ARG A 69 7.56 9.91 -25.70
N ILE A 70 7.13 9.48 -24.51
CA ILE A 70 6.71 8.11 -24.32
C ILE A 70 5.34 7.98 -23.63
N THR A 71 4.73 6.81 -23.80
CA THR A 71 3.52 6.44 -23.09
C THR A 71 3.68 5.02 -22.54
N ILE A 72 3.42 4.87 -21.24
CA ILE A 72 3.51 3.59 -20.57
C ILE A 72 2.12 3.19 -20.11
N THR A 73 1.72 1.96 -20.43
CA THR A 73 0.43 1.42 -20.02
C THR A 73 0.59 -0.02 -19.55
N ALA A 74 -0.47 -0.57 -18.97
CA ALA A 74 -0.53 -1.98 -18.62
C ALA A 74 -1.91 -2.58 -18.90
N ASP A 75 -1.95 -3.86 -19.22
CA ASP A 75 -3.18 -4.67 -19.18
C ASP A 75 -3.12 -5.59 -17.96
N ARG A 76 -3.93 -5.30 -16.93
CA ARG A 76 -3.77 -6.01 -15.67
C ARG A 76 -4.17 -7.48 -15.78
N SER A 77 -5.13 -7.79 -16.64
CA SER A 77 -5.61 -9.17 -16.74
C SER A 77 -4.57 -10.11 -17.35
N THR A 78 -3.58 -9.59 -18.07
CA THR A 78 -2.52 -10.43 -18.64
C THR A 78 -1.15 -10.08 -18.04
N SER A 79 -1.14 -9.23 -17.02
CA SER A 79 0.10 -8.89 -16.34
C SER A 79 1.16 -8.43 -17.35
N THR A 80 0.73 -7.61 -18.32
CA THR A 80 1.61 -7.16 -19.38
C THR A 80 1.68 -5.64 -19.38
N ALA A 81 2.89 -5.13 -19.36
CA ALA A 81 3.15 -3.70 -19.43
C ALA A 81 3.67 -3.34 -20.82
N TYR A 82 3.41 -2.09 -21.22
CA TYR A 82 3.70 -1.62 -22.57
C TYR A 82 4.44 -0.30 -22.52
N LEU A 83 5.45 -0.18 -23.38
CA LEU A 83 6.17 1.05 -23.58
C LEU A 83 6.01 1.49 -25.02
N GLU A 84 5.35 2.63 -25.24
CA GLU A 84 5.26 3.19 -26.56
C GLU A 84 6.20 4.37 -26.72
N LEU A 85 7.05 4.30 -27.73
CA LEU A 85 7.84 5.42 -28.14
C LEU A 85 7.14 6.07 -29.31
N ASN A 86 6.81 7.34 -29.15
CA ASN A 86 5.70 7.92 -29.90
C ASN A 86 6.16 8.40 -31.28
N SER A 87 7.36 8.99 -31.35
CA SER A 87 7.89 9.51 -32.59
C SER A 87 9.39 9.29 -32.59
N LEU A 88 9.83 8.27 -33.32
CA LEU A 88 11.21 7.84 -33.20
C LEU A 88 12.22 8.76 -33.88
N ARG A 89 13.35 8.97 -33.22
CA ARG A 89 14.55 9.58 -33.81
C ARG A 89 15.72 8.59 -33.72
N PRO A 90 16.81 8.86 -34.45
CA PRO A 90 18.02 8.04 -34.38
C PRO A 90 18.55 7.89 -32.95
N GLU A 91 18.44 8.94 -32.15
CA GLU A 91 18.85 8.88 -30.76
C GLU A 91 18.10 7.79 -29.96
N ASP A 92 16.96 7.33 -30.46
CA ASP A 92 16.11 6.39 -29.73
C ASP A 92 16.53 4.93 -29.93
N THR A 93 17.48 4.70 -30.83
CA THR A 93 18.06 3.38 -31.01
C THR A 93 18.71 2.95 -29.69
N ALA A 94 18.29 1.79 -29.18
CA ALA A 94 18.68 1.35 -27.85
C ALA A 94 18.08 -0.02 -27.56
N VAL A 95 18.61 -0.66 -26.52
CA VAL A 95 17.92 -1.79 -25.91
C VAL A 95 17.04 -1.27 -24.78
N TYR A 96 15.78 -1.67 -24.80
CA TYR A 96 14.82 -1.28 -23.76
C TYR A 96 14.52 -2.49 -22.88
N TYR A 97 14.76 -2.31 -21.58
CA TYR A 97 14.57 -3.37 -20.61
C TYR A 97 13.33 -3.05 -19.79
N CYS A 98 12.56 -4.07 -19.49
CA CYS A 98 11.57 -4.02 -18.43
CA CYS A 98 11.59 -3.97 -18.41
C CYS A 98 12.17 -4.63 -17.16
N ALA A 99 11.74 -4.13 -16.01
CA ALA A 99 12.24 -4.61 -14.73
C ALA A 99 11.16 -4.48 -13.67
N ARG A 100 11.12 -5.40 -12.72
CA ARG A 100 9.99 -5.53 -11.83
C ARG A 100 10.42 -5.03 -10.48
N GLU A 101 9.65 -4.10 -9.92
CA GLU A 101 9.82 -3.67 -8.53
C GLU A 101 8.79 -4.38 -7.64
N GLY A 102 9.26 -5.13 -6.66
CA GLY A 102 8.35 -5.79 -5.73
C GLY A 102 7.84 -4.83 -4.66
N THR A 103 6.92 -5.29 -3.83
CA THR A 103 6.37 -4.49 -2.76
C THR A 103 7.16 -4.77 -1.50
N THR A 104 6.94 -3.97 -0.46
CA THR A 104 7.71 -4.07 0.78
C THR A 104 6.77 -4.43 1.92
N GLY A 105 7.31 -5.11 2.92
CA GLY A 105 6.59 -5.41 4.14
C GLY A 105 5.60 -6.55 3.95
N TRP A 106 4.83 -6.86 5.00
CA TRP A 106 3.76 -7.83 4.83
C TRP A 106 2.78 -7.27 3.81
N GLY A 107 2.05 -8.15 3.15
CA GLY A 107 0.80 -7.80 2.50
C GLY A 107 0.94 -7.53 1.02
N TRP A 108 -0.14 -7.75 0.29
CA TRP A 108 -0.09 -7.72 -1.15
C TRP A 108 -0.07 -6.29 -1.69
N LEU A 109 -0.41 -5.33 -0.85
CA LEU A 109 -0.76 -4.00 -1.29
C LEU A 109 0.16 -2.98 -0.63
N GLY A 110 1.05 -2.40 -1.42
CA GLY A 110 2.06 -1.47 -0.91
C GLY A 110 2.82 -0.73 -2.00
N LYS A 111 3.51 0.35 -1.60
CA LYS A 111 4.38 1.05 -2.51
C LYS A 111 5.47 0.11 -3.04
N PRO A 112 5.64 0.06 -4.35
CA PRO A 112 6.79 -0.67 -4.89
C PRO A 112 8.14 -0.16 -4.37
N ILE A 113 9.03 -1.09 -4.00
CA ILE A 113 10.44 -0.77 -3.78
C ILE A 113 11.07 -0.28 -5.08
N GLY A 114 12.13 0.51 -4.96
CA GLY A 114 12.76 1.06 -6.17
C GLY A 114 13.77 0.13 -6.84
N ALA A 115 14.20 -0.92 -6.14
CA ALA A 115 15.22 -1.84 -6.67
C ALA A 115 14.61 -2.83 -7.64
N PHE A 116 15.42 -3.29 -8.60
CA PHE A 116 14.91 -4.14 -9.66
C PHE A 116 15.43 -5.57 -9.57
N ALA A 117 14.66 -6.43 -8.91
CA ALA A 117 15.14 -7.76 -8.62
C ALA A 117 15.03 -8.67 -9.85
N HIS A 118 14.11 -8.34 -10.76
CA HIS A 118 13.90 -9.16 -11.95
C HIS A 118 13.85 -8.31 -13.21
N TRP A 119 14.45 -8.83 -14.27
CA TRP A 119 14.62 -8.11 -15.53
C TRP A 119 14.11 -8.96 -16.71
N GLY A 120 13.53 -8.31 -17.70
CA GLY A 120 13.37 -8.92 -19.02
C GLY A 120 14.68 -9.05 -19.78
N GLN A 121 14.62 -9.73 -20.92
CA GLN A 121 15.82 -10.02 -21.71
C GLN A 121 16.23 -8.84 -22.58
N GLY A 122 15.40 -7.81 -22.62
CA GLY A 122 15.65 -6.63 -23.43
C GLY A 122 15.02 -6.73 -24.80
N THR A 123 14.65 -5.58 -25.36
CA THR A 123 14.15 -5.48 -26.73
C THR A 123 14.96 -4.40 -27.45
N LEU A 124 15.70 -4.82 -28.48
CA LEU A 124 16.45 -3.90 -29.32
C LEU A 124 15.47 -3.18 -30.23
N VAL A 125 15.49 -1.86 -30.18
CA VAL A 125 14.78 -1.05 -31.16
C VAL A 125 15.82 -0.29 -31.99
N THR A 126 15.82 -0.54 -33.29
CA THR A 126 16.74 0.13 -34.21
C THR A 126 15.95 1.09 -35.08
N VAL A 127 16.37 2.35 -35.09
CA VAL A 127 15.76 3.34 -35.95
C VAL A 127 16.56 3.40 -37.24
N SER A 128 15.91 3.04 -38.35
CA SER A 128 16.55 2.98 -39.66
C SER A 128 16.67 4.37 -40.24
N SER A 129 17.23 4.44 -41.43
CA SER A 129 16.66 5.24 -42.52
C SER A 129 17.70 5.43 -43.60
N GLU B 1 17.90 15.92 -9.96
CA GLU B 1 18.09 14.48 -9.61
C GLU B 1 19.30 14.30 -8.68
N ILE B 2 19.35 13.18 -8.01
CA ILE B 2 20.58 12.69 -7.41
C ILE B 2 21.49 12.14 -8.49
N VAL B 3 22.63 12.80 -8.67
CA VAL B 3 23.64 12.30 -9.58
C VAL B 3 24.54 11.31 -8.84
N LEU B 4 24.69 10.14 -9.42
CA LEU B 4 25.55 9.12 -8.87
C LEU B 4 26.82 9.00 -9.72
N THR B 5 27.96 9.07 -9.04
CA THR B 5 29.23 9.09 -9.71
C THR B 5 29.98 7.85 -9.29
N GLN B 6 30.28 7.00 -10.27
CA GLN B 6 31.11 5.82 -10.07
C GLN B 6 32.45 6.12 -10.72
N SER B 7 33.51 6.15 -9.94
CA SER B 7 34.83 6.22 -10.56
C SER B 7 35.85 5.43 -9.77
N PRO B 8 36.92 5.01 -10.45
CA PRO B 8 37.09 5.25 -11.88
C PRO B 8 36.08 4.47 -12.70
N GLY B 9 35.97 4.81 -13.98
CA GLY B 9 35.03 4.17 -14.90
C GLY B 9 35.44 2.79 -15.36
N THR B 10 36.74 2.52 -15.28
CA THR B 10 37.30 1.22 -15.64
C THR B 10 38.33 0.84 -14.60
N GLN B 11 38.37 -0.45 -14.25
CA GLN B 11 39.40 -0.99 -13.37
C GLN B 11 39.94 -2.27 -13.98
N SER B 12 41.25 -2.40 -13.97
CA SER B 12 41.89 -3.54 -14.60
C SER B 12 42.49 -4.40 -13.49
N LEU B 13 42.03 -5.65 -13.40
CA LEU B 13 42.36 -6.50 -12.26
C LEU B 13 42.63 -7.93 -12.72
N SER B 14 43.13 -8.76 -11.82
CA SER B 14 43.33 -10.17 -12.08
C SER B 14 42.38 -11.06 -11.27
N PRO B 15 42.10 -12.27 -11.76
CA PRO B 15 41.32 -13.26 -11.01
C PRO B 15 41.93 -13.58 -9.64
N GLY B 16 41.09 -13.80 -8.64
CA GLY B 16 41.53 -14.04 -7.27
C GLY B 16 41.66 -12.76 -6.45
N GLU B 17 41.76 -11.64 -7.14
CA GLU B 17 41.96 -10.34 -6.49
C GLU B 17 40.63 -9.78 -5.93
N ARG B 18 40.74 -8.87 -4.97
CA ARG B 18 39.57 -8.17 -4.46
C ARG B 18 39.36 -6.87 -5.25
N ALA B 19 38.13 -6.60 -5.64
CA ALA B 19 37.77 -5.33 -6.24
C ALA B 19 36.92 -4.49 -5.30
N THR B 20 37.24 -3.20 -5.25
CA THR B 20 36.41 -2.24 -4.54
C THR B 20 35.87 -1.24 -5.55
N LEU B 21 34.55 -1.06 -5.53
CA LEU B 21 33.88 -0.18 -6.47
C LEU B 21 33.14 0.87 -5.67
N SER B 22 33.33 2.12 -6.05
CA SER B 22 32.78 3.24 -5.30
C SER B 22 31.62 3.84 -6.05
N CYS B 23 30.61 4.26 -5.30
CA CYS B 23 29.48 5.02 -5.83
C CYS B 23 29.28 6.20 -4.90
N ARG B 24 29.37 7.40 -5.45
CA ARG B 24 29.22 8.61 -4.65
C ARG B 24 28.01 9.41 -5.11
N ALA B 25 27.24 9.91 -4.15
CA ALA B 25 25.96 10.53 -4.45
C ALA B 25 26.05 12.03 -4.21
N SER B 26 25.49 12.81 -5.13
CA SER B 26 25.47 14.26 -5.00
C SER B 26 24.63 14.72 -3.81
N GLN B 27 23.66 13.92 -3.39
CA GLN B 27 22.95 14.13 -2.12
C GLN B 27 22.77 12.82 -1.36
N SER B 28 22.43 12.93 -0.09
CA SER B 28 22.21 11.76 0.76
C SER B 28 21.14 10.85 0.19
N VAL B 29 21.43 9.56 0.16
CA VAL B 29 20.48 8.58 -0.31
C VAL B 29 19.67 8.08 0.87
N GLY B 30 18.38 8.37 0.85
CA GLY B 30 17.51 8.13 2.00
C GLY B 30 17.40 6.66 2.35
N ASN B 31 17.54 6.37 3.63
CA ASN B 31 17.35 5.00 4.14
C ASN B 31 18.24 4.00 3.43
N ASN B 32 19.37 4.48 2.94
CA ASN B 32 20.32 3.63 2.24
C ASN B 32 19.70 2.82 1.10
N LYS B 33 18.77 3.45 0.39
CA LYS B 33 18.13 2.80 -0.73
C LYS B 33 19.05 2.87 -1.95
N LEU B 34 20.07 2.03 -1.91
CA LEU B 34 21.04 1.96 -2.97
C LEU B 34 21.25 0.52 -3.40
N ALA B 35 21.14 0.27 -4.70
CA ALA B 35 21.32 -1.07 -5.23
C ALA B 35 22.57 -1.16 -6.13
N TRP B 36 23.13 -2.35 -6.26
CA TRP B 36 24.16 -2.63 -7.24
C TRP B 36 23.71 -3.70 -8.24
N TYR B 37 24.11 -3.53 -9.50
CA TYR B 37 23.80 -4.46 -10.57
C TYR B 37 25.06 -4.91 -11.29
N GLN B 38 25.10 -6.17 -11.68
CA GLN B 38 26.13 -6.67 -12.59
C GLN B 38 25.52 -6.86 -13.96
N GLN B 39 26.21 -6.39 -15.00
CA GLN B 39 25.79 -6.66 -16.36
C GLN B 39 26.93 -7.24 -17.19
N ARG B 40 26.81 -8.52 -17.52
CA ARG B 40 27.71 -9.18 -18.46
C ARG B 40 27.32 -8.86 -19.90
N PRO B 41 28.28 -8.95 -20.83
CA PRO B 41 28.01 -8.63 -22.23
C PRO B 41 26.81 -9.38 -22.87
N GLY B 42 25.91 -8.63 -23.47
CA GLY B 42 24.75 -9.21 -24.15
C GLY B 42 23.59 -9.51 -23.21
N GLN B 43 23.83 -9.39 -21.91
CA GLN B 43 22.88 -9.85 -20.90
C GLN B 43 22.17 -8.68 -20.21
N ALA B 44 21.03 -8.98 -19.60
CA ALA B 44 20.35 -8.03 -18.74
C ALA B 44 21.13 -7.84 -17.44
N PRO B 45 21.01 -6.63 -16.85
CA PRO B 45 21.46 -6.41 -15.48
C PRO B 45 20.93 -7.46 -14.50
N ARG B 46 21.74 -7.76 -13.50
CA ARG B 46 21.34 -8.68 -12.45
C ARG B 46 21.59 -7.99 -11.11
N LEU B 47 20.61 -8.06 -10.22
CA LEU B 47 20.69 -7.40 -8.91
C LEU B 47 21.65 -8.13 -7.98
N LEU B 48 22.65 -7.42 -7.47
CA LEU B 48 23.61 -8.00 -6.54
C LEU B 48 23.32 -7.59 -5.12
N ILE B 49 22.96 -6.32 -4.95
CA ILE B 49 22.81 -5.72 -3.63
C ILE B 49 21.61 -4.77 -3.65
N TYR B 50 20.83 -4.77 -2.57
CA TYR B 50 19.86 -3.70 -2.32
C TYR B 50 19.89 -3.29 -0.87
N GLY B 51 19.28 -2.14 -0.56
CA GLY B 51 19.40 -1.54 0.77
C GLY B 51 20.85 -1.34 1.17
N ALA B 52 21.70 -1.09 0.18
CA ALA B 52 23.11 -0.78 0.44
C ALA B 52 23.89 -2.07 0.70
N SER B 53 23.41 -2.87 1.65
CA SER B 53 24.15 -4.06 2.05
C SER B 53 23.42 -5.42 2.01
N SER B 54 22.21 -5.44 1.48
CA SER B 54 21.43 -6.68 1.49
C SER B 54 21.61 -7.46 0.18
N ARG B 55 21.75 -8.76 0.30
CA ARG B 55 22.08 -9.63 -0.82
C ARG B 55 20.88 -10.52 -1.13
N PRO B 56 20.35 -10.43 -2.36
CA PRO B 56 19.24 -11.31 -2.75
C PRO B 56 19.61 -12.79 -2.60
N SER B 57 18.61 -13.63 -2.43
CA SER B 57 18.84 -15.08 -2.45
C SER B 57 19.46 -15.44 -3.79
N GLY B 58 20.48 -16.30 -3.75
CA GLY B 58 21.11 -16.77 -4.99
C GLY B 58 22.27 -15.92 -5.47
N VAL B 59 22.58 -14.84 -4.75
CA VAL B 59 23.79 -14.07 -5.02
C VAL B 59 24.95 -14.51 -4.11
N ALA B 60 26.10 -14.82 -4.70
CA ALA B 60 27.23 -15.36 -3.95
C ALA B 60 27.70 -14.37 -2.91
N ASP B 61 28.19 -14.90 -1.78
CA ASP B 61 28.50 -14.09 -0.62
C ASP B 61 29.83 -13.36 -0.77
N ARG B 62 30.51 -13.57 -1.88
CA ARG B 62 31.72 -12.82 -2.17
C ARG B 62 31.38 -11.40 -2.61
N PHE B 63 30.11 -11.18 -2.97
CA PHE B 63 29.60 -9.82 -3.18
C PHE B 63 29.10 -9.22 -1.88
N SER B 64 29.62 -8.04 -1.57
CA SER B 64 29.33 -7.37 -0.31
C SER B 64 29.10 -5.88 -0.55
N GLY B 65 28.00 -5.37 -0.02
CA GLY B 65 27.69 -3.94 -0.09
C GLY B 65 27.88 -3.27 1.26
N SER B 66 28.40 -2.04 1.23
CA SER B 66 28.56 -1.25 2.44
C SER B 66 28.43 0.24 2.17
N GLY B 67 28.38 1.00 3.26
CA GLY B 67 28.34 2.45 3.15
C GLY B 67 26.97 3.02 3.48
N SER B 68 26.89 4.34 3.46
CA SER B 68 25.65 5.05 3.75
C SER B 68 25.79 6.53 3.39
N GLY B 69 24.70 7.28 3.52
CA GLY B 69 24.75 8.71 3.23
C GLY B 69 25.00 8.98 1.75
N THR B 70 26.20 9.46 1.44
CA THR B 70 26.56 9.77 0.06
C THR B 70 27.71 8.91 -0.49
N ASP B 71 28.13 7.90 0.27
CA ASP B 71 29.35 7.16 -0.07
C ASP B 71 29.17 5.65 0.07
N PHE B 72 29.09 4.95 -1.05
CA PHE B 72 28.74 3.55 -1.06
C PHE B 72 29.78 2.71 -1.77
N THR B 73 29.92 1.46 -1.34
CA THR B 73 30.99 0.61 -1.80
C THR B 73 30.46 -0.78 -2.10
N LEU B 74 30.78 -1.31 -3.27
CA LEU B 74 30.63 -2.72 -3.55
C LEU B 74 31.99 -3.37 -3.52
N THR B 75 32.09 -4.48 -2.78
CA THR B 75 33.35 -5.22 -2.72
C THR B 75 33.11 -6.62 -3.27
N ILE B 76 33.97 -6.99 -4.20
CA ILE B 76 33.92 -8.33 -4.77
C ILE B 76 35.22 -9.04 -4.43
N SER B 77 35.13 -10.09 -3.63
CA SER B 77 36.34 -10.85 -3.26
C SER B 77 36.50 -12.05 -4.19
N ARG B 78 37.74 -12.56 -4.28
CA ARG B 78 38.05 -13.71 -5.12
C ARG B 78 37.39 -13.58 -6.50
N LEU B 79 37.75 -12.53 -7.24
CA LEU B 79 37.23 -12.32 -8.59
C LEU B 79 37.30 -13.63 -9.36
N GLU B 80 36.15 -14.05 -9.88
CA GLU B 80 36.09 -15.23 -10.73
C GLU B 80 35.95 -14.73 -12.15
N PRO B 81 36.27 -15.58 -13.14
CA PRO B 81 36.10 -15.22 -14.55
C PRO B 81 34.76 -14.56 -14.83
N GLU B 82 33.71 -15.04 -14.17
CA GLU B 82 32.35 -14.55 -14.41
C GLU B 82 32.16 -13.09 -14.01
N ASP B 83 33.04 -12.59 -13.14
CA ASP B 83 32.82 -11.31 -12.49
C ASP B 83 33.31 -10.13 -13.32
N PHE B 84 33.96 -10.40 -14.44
CA PHE B 84 34.38 -9.35 -15.35
C PHE B 84 33.22 -8.86 -16.22
N ALA B 85 32.71 -7.67 -15.88
CA ALA B 85 31.40 -7.19 -16.35
C ALA B 85 31.37 -5.70 -16.07
N VAL B 86 30.25 -5.06 -16.40
CA VAL B 86 30.01 -3.69 -15.99
C VAL B 86 29.10 -3.67 -14.77
N TYR B 87 29.43 -2.82 -13.80
CA TYR B 87 28.67 -2.76 -12.57
C TYR B 87 28.05 -1.37 -12.40
N TYR B 88 26.78 -1.34 -12.06
CA TYR B 88 26.05 -0.08 -11.92
C TYR B 88 25.51 0.04 -10.50
N CYS B 89 25.58 1.25 -9.93
CA CYS B 89 24.79 1.54 -8.74
C CYS B 89 23.49 2.27 -9.12
N GLN B 90 22.54 2.27 -8.19
CA GLN B 90 21.22 2.86 -8.42
C GLN B 90 20.66 3.32 -7.09
N GLN B 91 20.21 4.57 -7.02
CA GLN B 91 19.47 5.05 -5.86
C GLN B 91 17.98 5.09 -6.16
N TYR B 92 17.20 4.65 -5.18
CA TYR B 92 15.75 4.79 -5.23
C TYR B 92 15.25 5.37 -3.91
N GLY B 93 16.04 6.26 -3.32
CA GLY B 93 15.63 6.99 -2.11
C GLY B 93 14.73 8.18 -2.42
N GLN B 94 14.62 8.51 -3.70
CA GLN B 94 13.62 9.46 -4.18
C GLN B 94 12.85 8.80 -5.29
N SER B 95 11.66 9.32 -5.58
CA SER B 95 10.80 8.71 -6.60
C SER B 95 11.42 8.79 -8.00
N LEU B 96 12.28 9.78 -8.21
CA LEU B 96 13.06 9.82 -9.44
C LEU B 96 14.33 9.00 -9.25
N SER B 97 14.28 7.75 -9.69
CA SER B 97 15.39 6.83 -9.58
C SER B 97 16.46 7.19 -10.60
N THR B 98 17.72 7.07 -10.19
CA THR B 98 18.85 7.30 -11.08
C THR B 98 19.93 6.21 -10.97
N PHE B 99 20.68 6.02 -12.05
CA PHE B 99 21.81 5.09 -12.07
C PHE B 99 23.13 5.85 -12.17
N GLY B 100 24.19 5.26 -11.64
CA GLY B 100 25.55 5.67 -11.98
C GLY B 100 25.88 5.30 -13.42
N GLN B 101 27.04 5.77 -13.88
CA GLN B 101 27.40 5.62 -15.30
C GLN B 101 28.06 4.27 -15.57
N GLY B 102 28.38 3.53 -14.51
CA GLY B 102 28.89 2.18 -14.66
C GLY B 102 30.39 2.10 -14.44
N THR B 103 30.85 1.01 -13.86
CA THR B 103 32.26 0.72 -13.75
C THR B 103 32.56 -0.61 -14.41
N LYS B 104 33.44 -0.59 -15.41
CA LYS B 104 33.84 -1.80 -16.08
C LYS B 104 34.99 -2.45 -15.31
N VAL B 105 34.77 -3.69 -14.87
CA VAL B 105 35.83 -4.45 -14.23
C VAL B 105 36.33 -5.44 -15.26
N GLU B 106 37.58 -5.24 -15.66
CA GLU B 106 38.13 -5.91 -16.83
C GLU B 106 39.49 -6.52 -16.46
N VAL B 107 39.94 -7.48 -17.26
CA VAL B 107 41.11 -8.24 -16.89
C VAL B 107 42.35 -7.41 -17.22
N LYS B 108 43.29 -7.35 -16.28
CA LYS B 108 44.53 -6.61 -16.46
C LYS B 108 45.52 -7.38 -17.34
N LEU B 109 45.64 -6.97 -18.60
CA LEU B 109 46.54 -7.61 -19.55
C LEU B 109 47.84 -6.84 -19.66
N VAL B 110 48.96 -7.52 -19.38
CA VAL B 110 50.27 -6.91 -19.54
C VAL B 110 50.46 -6.42 -20.99
N PRO B 111 50.59 -5.10 -21.17
CA PRO B 111 50.67 -4.52 -22.52
C PRO B 111 52.04 -4.72 -23.15
N GLN C 3 6.17 10.96 20.00
CA GLN C 3 5.07 11.98 20.04
C GLN C 3 3.69 11.39 19.77
N VAL C 4 3.59 10.09 19.49
CA VAL C 4 2.30 9.42 19.49
C VAL C 4 1.67 9.51 20.88
N GLN C 5 0.40 9.89 20.92
CA GLN C 5 -0.34 9.92 22.18
C GLN C 5 -1.69 9.24 21.95
N LEU C 6 -2.06 8.35 22.86
CA LEU C 6 -3.38 7.76 22.89
C LEU C 6 -4.09 8.19 24.16
N VAL C 7 -5.24 8.84 24.02
CA VAL C 7 -6.01 9.29 25.17
C VAL C 7 -7.38 8.62 25.22
N GLN C 8 -7.67 7.98 26.34
CA GLN C 8 -8.88 7.22 26.49
C GLN C 8 -9.88 8.01 27.34
N SER C 9 -11.15 7.71 27.18
CA SER C 9 -12.20 8.28 28.03
C SER C 9 -12.13 7.74 29.47
N GLY C 10 -12.85 8.40 30.38
CA GLY C 10 -12.73 8.13 31.81
C GLY C 10 -13.45 6.90 32.31
N ALA C 11 -13.19 6.54 33.55
CA ALA C 11 -13.77 5.34 34.17
C ALA C 11 -15.30 5.35 34.14
N GLU C 12 -15.89 4.15 34.05
CA GLU C 12 -17.33 3.97 33.98
C GLU C 12 -17.84 3.01 35.03
N VAL C 13 -19.01 3.33 35.60
CA VAL C 13 -19.81 2.38 36.34
C VAL C 13 -21.15 2.16 35.63
N LYS C 14 -21.51 0.90 35.39
CA LYS C 14 -22.71 0.56 34.63
C LYS C 14 -23.45 -0.64 35.25
N ARG C 15 -24.77 -0.64 35.15
CA ARG C 15 -25.58 -1.76 35.64
C ARG C 15 -25.52 -2.92 34.64
N PRO C 16 -25.70 -4.16 35.13
CA PRO C 16 -25.77 -5.33 34.25
C PRO C 16 -26.83 -5.16 33.18
N GLY C 17 -26.56 -5.64 31.97
CA GLY C 17 -27.52 -5.57 30.89
C GLY C 17 -27.44 -4.28 30.10
N SER C 18 -26.71 -3.30 30.64
CA SER C 18 -26.55 -2.03 29.95
C SER C 18 -25.38 -2.10 28.95
N SER C 19 -25.30 -1.11 28.09
CA SER C 19 -24.17 -1.01 27.17
C SER C 19 -23.28 0.18 27.55
N VAL C 20 -22.01 0.11 27.21
CA VAL C 20 -21.09 1.23 27.42
C VAL C 20 -20.12 1.34 26.26
N THR C 21 -19.72 2.57 25.94
CA THR C 21 -18.79 2.84 24.86
C THR C 21 -17.55 3.58 25.37
N VAL C 22 -16.38 3.02 25.12
CA VAL C 22 -15.11 3.59 25.54
C VAL C 22 -14.42 4.17 24.28
N SER C 23 -13.72 5.29 24.42
CA SER C 23 -13.15 5.96 23.28
C SER C 23 -11.64 6.03 23.40
N CYS C 24 -10.93 6.08 22.23
CA CYS C 24 -9.52 6.18 22.22
C CYS C 24 -9.14 7.07 20.97
N LYS C 25 -8.60 8.24 21.41
CA LYS C 25 -8.25 9.26 20.44
C LYS C 25 -6.75 9.29 20.22
N ALA C 26 -6.35 9.12 18.95
CA ALA C 26 -4.95 9.04 18.60
C ALA C 26 -4.51 10.34 17.97
N SER C 27 -3.35 10.84 18.42
CA SER C 27 -2.67 11.93 17.76
C SER C 27 -1.19 11.58 17.60
N GLY C 28 -0.51 12.32 16.74
CA GLY C 28 0.93 12.15 16.57
C GLY C 28 1.28 10.93 15.76
N GLY C 29 2.57 10.64 15.66
CA GLY C 29 3.05 9.52 14.84
C GLY C 29 3.19 9.90 13.39
N SER C 30 3.65 8.95 12.58
CA SER C 30 3.76 9.18 11.17
C SER C 30 2.40 8.93 10.54
N PHE C 31 2.08 9.70 9.51
CA PHE C 31 0.86 9.49 8.74
C PHE C 31 0.81 8.08 8.18
N SER C 32 -0.14 7.28 8.62
CA SER C 32 -0.19 5.88 8.21
C SER C 32 -1.51 5.23 8.56
N THR C 33 -1.78 4.10 7.91
CA THR C 33 -2.93 3.26 8.20
C THR C 33 -2.65 2.39 9.42
N TYR C 34 -2.38 3.04 10.55
CA TYR C 34 -2.21 2.35 11.82
C TYR C 34 -3.56 1.78 12.29
N ALA C 35 -3.49 0.79 13.17
CA ALA C 35 -4.67 0.27 13.84
C ALA C 35 -4.71 0.70 15.29
N LEU C 36 -5.93 0.90 15.79
CA LEU C 36 -6.15 0.97 17.23
C LEU C 36 -6.88 -0.28 17.67
N SER C 37 -6.21 -1.05 18.53
CA SER C 37 -6.75 -2.30 19.03
C SER C 37 -7.19 -2.14 20.46
N TRP C 38 -8.16 -2.95 20.85
CA TRP C 38 -8.63 -2.97 22.23
C TRP C 38 -8.17 -4.24 22.92
N VAL C 39 -7.57 -4.06 24.09
CA VAL C 39 -7.04 -5.17 24.85
C VAL C 39 -7.63 -5.14 26.25
N ARG C 40 -8.21 -6.24 26.65
CA ARG C 40 -8.80 -6.36 27.94
C ARG C 40 -7.83 -6.93 28.93
N GLN C 41 -7.71 -6.28 30.07
CA GLN C 41 -7.14 -6.93 31.21
C GLN C 41 -8.08 -7.06 32.38
N ALA C 42 -8.66 -8.22 32.50
CA ALA C 42 -9.68 -8.58 33.46
C ALA C 42 -9.09 -9.48 34.56
N PRO C 43 -9.68 -9.49 35.78
CA PRO C 43 -9.16 -10.28 36.89
C PRO C 43 -9.02 -11.77 36.58
N GLY C 44 -7.81 -12.31 36.78
CA GLY C 44 -7.56 -13.73 36.56
C GLY C 44 -7.44 -14.12 35.09
N ARG C 45 -7.39 -13.12 34.22
CA ARG C 45 -7.51 -13.40 32.80
C ARG C 45 -6.50 -12.66 31.93
N GLY C 46 -5.41 -12.16 32.52
CA GLY C 46 -4.27 -11.69 31.76
C GLY C 46 -4.62 -10.53 30.84
N LEU C 47 -3.82 -10.34 29.80
CA LEU C 47 -4.17 -9.44 28.71
C LEU C 47 -4.79 -10.25 27.57
N GLU C 48 -5.82 -9.68 26.95
CA GLU C 48 -6.56 -10.35 25.89
C GLU C 48 -6.93 -9.38 24.77
N TRP C 49 -6.53 -9.71 23.54
CA TRP C 49 -6.87 -8.90 22.37
C TRP C 49 -8.32 -9.12 21.95
N MET C 50 -9.06 -8.02 21.85
CA MET C 50 -10.49 -8.09 21.56
C MET C 50 -10.79 -7.83 20.08
N GLY C 51 -9.91 -7.07 19.44
CA GLY C 51 -10.13 -6.65 18.07
C GLY C 51 -9.56 -5.26 17.87
N GLY C 52 -9.72 -4.73 16.68
CA GLY C 52 -9.15 -3.43 16.35
C GLY C 52 -9.76 -2.81 15.11
N VAL C 53 -9.38 -1.57 14.85
CA VAL C 53 -9.90 -0.80 13.74
C VAL C 53 -8.77 0.07 13.18
N ILE C 54 -8.73 0.20 11.86
CA ILE C 54 -7.86 1.17 11.21
C ILE C 54 -8.69 2.40 10.87
N PRO C 55 -8.57 3.48 11.66
CA PRO C 55 -9.48 4.63 11.52
C PRO C 55 -9.43 5.27 10.14
N LEU C 56 -8.26 5.32 9.52
CA LEU C 56 -8.10 5.97 8.23
C LEU C 56 -8.95 5.28 7.15
N LEU C 57 -9.17 3.97 7.30
CA LEU C 57 -9.82 3.17 6.27
C LEU C 57 -11.17 2.59 6.71
N THR C 58 -11.54 2.82 7.97
CA THR C 58 -12.77 2.25 8.53
C THR C 58 -12.81 0.74 8.32
N ILE C 59 -11.73 0.06 8.67
CA ILE C 59 -11.67 -1.40 8.63
C ILE C 59 -11.56 -1.98 10.03
N THR C 60 -12.47 -2.88 10.38
CA THR C 60 -12.46 -3.49 11.70
CA THR C 60 -12.48 -3.49 11.70
C THR C 60 -12.14 -4.97 11.62
N ASN C 61 -11.45 -5.47 12.64
CA ASN C 61 -11.00 -6.83 12.75
C ASN C 61 -11.31 -7.30 14.19
N TYR C 62 -12.09 -8.36 14.35
CA TYR C 62 -12.53 -8.79 15.70
C TYR C 62 -11.82 -10.07 16.05
N ALA C 63 -11.54 -10.28 17.34
CA ALA C 63 -11.34 -11.63 17.86
C ALA C 63 -12.67 -12.37 17.90
N PRO C 64 -12.69 -13.58 17.33
CA PRO C 64 -13.94 -14.35 17.24
C PRO C 64 -14.67 -14.53 18.56
N ARG C 65 -13.92 -14.71 19.65
CA ARG C 65 -14.52 -14.95 20.96
C ARG C 65 -15.26 -13.71 21.48
N PHE C 66 -14.89 -12.54 20.99
CA PHE C 66 -15.54 -11.32 21.44
C PHE C 66 -16.55 -10.80 20.44
N GLN C 67 -16.54 -11.33 19.23
CA GLN C 67 -17.32 -10.71 18.18
C GLN C 67 -18.82 -10.55 18.53
N GLY C 68 -19.41 -11.55 19.16
CA GLY C 68 -20.83 -11.52 19.42
C GLY C 68 -21.26 -10.50 20.47
N ARG C 69 -20.32 -10.01 21.28
CA ARG C 69 -20.68 -9.19 22.44
C ARG C 69 -20.20 -7.75 22.35
N ILE C 70 -19.37 -7.44 21.34
CA ILE C 70 -18.82 -6.11 21.22
C ILE C 70 -18.99 -5.52 19.82
N THR C 71 -18.87 -4.20 19.74
CA THR C 71 -18.82 -3.50 18.48
C THR C 71 -17.66 -2.51 18.52
N ILE C 72 -16.80 -2.57 17.50
CA ILE C 72 -15.65 -1.66 17.41
C ILE C 72 -15.85 -0.79 16.17
N THR C 73 -15.73 0.51 16.35
CA THR C 73 -15.85 1.45 15.25
C THR C 73 -14.75 2.49 15.35
N ALA C 74 -14.62 3.28 14.28
CA ALA C 74 -13.76 4.45 14.29
C ALA C 74 -14.43 5.58 13.50
N ASP C 75 -14.20 6.80 13.94
CA ASP C 75 -14.55 7.99 13.17
C ASP C 75 -13.30 8.47 12.47
N ARG C 76 -13.30 8.41 11.14
CA ARG C 76 -12.13 8.71 10.34
C ARG C 76 -11.73 10.18 10.45
N SER C 77 -12.73 11.05 10.51
CA SER C 77 -12.49 12.48 10.55
C SER C 77 -11.75 12.92 11.82
N THR C 78 -11.89 12.16 12.91
CA THR C 78 -11.32 12.56 14.20
C THR C 78 -10.29 11.58 14.73
N SER C 79 -9.93 10.57 13.95
CA SER C 79 -8.93 9.58 14.40
C SER C 79 -9.26 9.01 15.80
N THR C 80 -10.54 8.72 16.02
CA THR C 80 -10.98 8.22 17.31
C THR C 80 -11.60 6.86 17.11
N ALA C 81 -11.13 5.89 17.90
CA ALA C 81 -11.67 4.56 17.89
C ALA C 81 -12.59 4.34 19.09
N TYR C 82 -13.56 3.46 18.91
CA TYR C 82 -14.60 3.24 19.91
C TYR C 82 -14.79 1.74 20.17
N LEU C 83 -14.94 1.40 21.45
CA LEU C 83 -15.29 0.05 21.85
C LEU C 83 -16.62 0.08 22.59
N GLU C 84 -17.62 -0.58 22.01
CA GLU C 84 -18.89 -0.72 22.67
C GLU C 84 -19.10 -2.14 23.20
N LEU C 85 -19.35 -2.23 24.50
CA LEU C 85 -19.74 -3.47 25.12
C LEU C 85 -21.24 -3.46 25.27
N ASN C 86 -21.88 -4.44 24.67
CA ASN C 86 -23.25 -4.27 24.24
C ASN C 86 -24.21 -4.61 25.35
N SER C 87 -23.87 -5.60 26.15
CA SER C 87 -24.78 -6.06 27.19
C SER C 87 -24.02 -6.59 28.40
N LEU C 88 -23.68 -5.68 29.32
CA LEU C 88 -22.66 -5.92 30.32
C LEU C 88 -23.00 -7.04 31.32
N ARG C 89 -22.02 -7.87 31.59
CA ARG C 89 -22.08 -8.83 32.68
C ARG C 89 -20.93 -8.56 33.64
N PRO C 90 -20.96 -9.20 34.82
CA PRO C 90 -19.86 -9.09 35.77
C PRO C 90 -18.51 -9.47 35.16
N GLU C 91 -18.50 -10.46 34.27
CA GLU C 91 -17.29 -10.84 33.53
C GLU C 91 -16.62 -9.67 32.82
N ASP C 92 -17.39 -8.64 32.54
CA ASP C 92 -16.91 -7.53 31.74
C ASP C 92 -16.18 -6.47 32.58
N THR C 93 -16.24 -6.58 33.90
CA THR C 93 -15.48 -5.68 34.77
C THR C 93 -13.99 -5.87 34.52
N ALA C 94 -13.31 -4.79 34.14
CA ALA C 94 -11.93 -4.89 33.64
C ALA C 94 -11.41 -3.51 33.33
N VAL C 95 -10.09 -3.43 33.12
CA VAL C 95 -9.48 -2.28 32.46
C VAL C 95 -9.38 -2.57 30.98
N TYR C 96 -9.85 -1.62 30.16
CA TYR C 96 -9.77 -1.75 28.72
C TYR C 96 -8.72 -0.78 28.19
N TYR C 97 -7.68 -1.33 27.58
CA TYR C 97 -6.59 -0.60 26.96
C TYR C 97 -6.83 -0.45 25.47
N CYS C 98 -6.71 0.75 24.99
CA CYS C 98 -6.32 0.89 23.52
CA CYS C 98 -6.31 0.84 23.51
C CYS C 98 -4.65 0.92 23.23
N ALA C 99 -4.37 0.18 22.20
CA ALA C 99 -3.02 -0.07 21.77
C ALA C 99 -2.84 0.13 20.28
N ARG C 100 -1.78 0.84 19.87
CA ARG C 100 -1.67 1.25 18.49
C ARG C 100 -0.72 0.27 17.84
N GLU C 101 -1.15 -0.31 16.72
CA GLU C 101 -0.28 -1.09 15.84
C GLU C 101 0.19 -0.23 14.67
N GLY C 102 1.49 -0.06 14.54
CA GLY C 102 2.03 0.69 13.41
C GLY C 102 2.07 -0.17 12.15
N THR C 103 2.43 0.45 11.02
CA THR C 103 2.41 -0.24 9.72
C THR C 103 3.73 -0.93 9.40
N THR C 104 3.74 -1.68 8.29
CA THR C 104 4.92 -2.40 7.83
C THR C 104 5.25 -2.04 6.40
N GLY C 105 6.53 -2.11 6.06
CA GLY C 105 7.01 -1.77 4.74
C GLY C 105 7.03 -0.27 4.54
N TRP C 106 7.49 0.20 3.39
CA TRP C 106 7.55 1.61 3.14
C TRP C 106 6.21 2.17 2.69
N GLY C 107 6.04 3.48 2.86
CA GLY C 107 4.83 4.17 2.47
C GLY C 107 3.80 4.19 3.59
N TRP C 108 2.88 5.14 3.50
CA TRP C 108 1.94 5.38 4.58
C TRP C 108 0.88 4.27 4.66
N LEU C 109 0.71 3.52 3.58
CA LEU C 109 -0.37 2.56 3.48
C LEU C 109 0.17 1.14 3.64
N GLY C 110 -0.25 0.46 4.69
CA GLY C 110 0.33 -0.82 5.04
C GLY C 110 -0.52 -1.60 6.01
N LYS C 111 -0.37 -2.90 5.93
CA LYS C 111 -0.97 -3.81 6.90
C LYS C 111 -0.39 -3.51 8.28
N PRO C 112 -1.25 -3.25 9.27
CA PRO C 112 -0.72 -3.08 10.61
C PRO C 112 0.01 -4.31 11.11
N ILE C 113 1.11 -4.09 11.83
CA ILE C 113 1.78 -5.18 12.55
C ILE C 113 0.89 -5.55 13.73
N GLY C 114 1.24 -6.63 14.42
CA GLY C 114 0.44 -7.12 15.54
C GLY C 114 0.99 -6.63 16.88
N ALA C 115 2.23 -6.10 16.89
CA ALA C 115 2.85 -5.65 18.14
C ALA C 115 2.31 -4.28 18.56
N PHE C 116 2.33 -4.00 19.85
CA PHE C 116 1.74 -2.77 20.37
C PHE C 116 2.79 -1.85 20.99
N ALA C 117 3.29 -0.90 20.20
CA ALA C 117 4.36 -0.05 20.67
C ALA C 117 3.82 1.06 21.59
N HIS C 118 2.56 1.42 21.43
CA HIS C 118 1.98 2.51 22.21
C HIS C 118 0.64 2.15 22.81
N TRP C 119 0.43 2.57 24.05
CA TRP C 119 -0.74 2.19 24.84
C TRP C 119 -1.41 3.45 25.42
N GLY C 120 -2.73 3.46 25.47
CA GLY C 120 -3.47 4.42 26.30
C GLY C 120 -3.32 4.11 27.77
N GLN C 121 -3.88 4.97 28.61
CA GLN C 121 -3.73 4.84 30.06
C GLN C 121 -4.73 3.84 30.63
N GLY C 122 -5.66 3.38 29.79
CA GLY C 122 -6.67 2.42 30.24
C GLY C 122 -7.94 3.11 30.69
N THR C 123 -9.05 2.38 30.54
CA THR C 123 -10.33 2.83 31.05
C THR C 123 -10.91 1.71 31.91
N LEU C 124 -11.08 1.98 33.20
CA LEU C 124 -11.73 1.03 34.11
C LEU C 124 -13.24 1.04 33.87
N VAL C 125 -13.81 -0.13 33.60
CA VAL C 125 -15.25 -0.31 33.57
C VAL C 125 -15.66 -1.23 34.70
N THR C 126 -16.52 -0.74 35.59
CA THR C 126 -17.04 -1.57 36.68
C THR C 126 -18.52 -1.86 36.46
N VAL C 127 -18.87 -3.14 36.47
CA VAL C 127 -20.25 -3.56 36.37
C VAL C 127 -20.80 -3.72 37.79
N SER C 128 -21.78 -2.90 38.14
CA SER C 128 -22.38 -2.90 39.46
C SER C 128 -23.31 -4.07 39.61
N SER C 129 -23.86 -4.20 40.82
CA SER C 129 -25.28 -4.47 41.00
C SER C 129 -25.50 -5.03 42.38
N ILE D 2 -3.84 -20.45 17.77
CA ILE D 2 -2.50 -20.61 18.41
C ILE D 2 -2.58 -20.26 19.88
N VAL D 3 -2.14 -21.19 20.72
CA VAL D 3 -2.23 -21.05 22.16
C VAL D 3 -0.83 -20.97 22.77
N LEU D 4 -0.54 -19.87 23.46
CA LEU D 4 0.80 -19.69 24.04
C LEU D 4 0.81 -20.09 25.52
N THR D 5 2.00 -20.10 26.09
CA THR D 5 2.27 -20.75 27.37
C THR D 5 3.59 -20.21 27.93
N GLN D 6 3.57 -19.72 29.16
CA GLN D 6 4.79 -19.18 29.77
C GLN D 6 5.08 -19.87 31.10
N LEU D 21 12.11 -15.80 31.70
CA LEU D 21 10.81 -16.33 31.27
C LEU D 21 10.97 -16.98 29.90
N SER D 22 10.11 -17.97 29.62
CA SER D 22 10.01 -18.53 28.27
C SER D 22 8.55 -18.70 27.84
N CYS D 23 8.36 -18.94 26.54
CA CYS D 23 7.02 -18.90 25.93
C CYS D 23 6.94 -19.94 24.81
N ARG D 24 5.96 -20.84 24.89
CA ARG D 24 5.90 -22.00 24.01
C ARG D 24 4.60 -22.04 23.22
N ALA D 25 4.67 -22.47 21.96
CA ALA D 25 3.62 -22.19 20.99
C ALA D 25 3.08 -23.48 20.36
N SER D 26 1.76 -23.63 20.37
CA SER D 26 1.11 -24.89 20.01
C SER D 26 1.17 -25.14 18.49
N GLN D 27 1.27 -24.07 17.73
CA GLN D 27 1.86 -24.12 16.39
C GLN D 27 3.03 -23.14 16.35
N SER D 28 3.77 -23.13 15.25
CA SER D 28 4.91 -22.22 15.09
C SER D 28 4.41 -20.81 14.80
N VAL D 29 5.14 -19.81 15.25
CA VAL D 29 4.80 -18.40 14.96
C VAL D 29 5.55 -17.92 13.71
N GLY D 30 4.81 -17.52 12.70
CA GLY D 30 5.38 -17.20 11.40
C GLY D 30 6.37 -16.05 11.46
N ASN D 31 7.45 -16.17 10.71
CA ASN D 31 8.50 -15.14 10.66
C ASN D 31 8.85 -14.56 12.04
N ASN D 32 8.75 -15.37 13.07
CA ASN D 32 9.19 -14.97 14.41
C ASN D 32 8.46 -13.73 14.91
N LYS D 33 7.19 -13.59 14.52
CA LYS D 33 6.41 -12.43 14.91
C LYS D 33 5.92 -12.57 16.36
N LEU D 34 6.83 -12.39 17.31
CA LEU D 34 6.51 -12.55 18.73
C LEU D 34 7.09 -11.41 19.57
N ALA D 35 6.32 -10.94 20.56
CA ALA D 35 6.69 -9.76 21.34
C ALA D 35 6.58 -10.02 22.84
N TRP D 36 7.24 -9.19 23.63
CA TRP D 36 7.19 -9.28 25.09
C TRP D 36 6.87 -7.92 25.69
N TYR D 37 5.96 -7.90 26.68
CA TYR D 37 5.61 -6.65 27.36
C TYR D 37 5.78 -6.77 28.87
N GLN D 38 6.16 -5.65 29.49
CA GLN D 38 6.16 -5.50 30.94
C GLN D 38 4.94 -4.69 31.40
N GLN D 39 4.25 -5.17 32.42
CA GLN D 39 3.23 -4.36 33.09
C GLN D 39 3.44 -4.34 34.60
N ARG D 40 3.90 -3.21 35.12
CA ARG D 40 3.99 -3.00 36.57
C ARG D 40 2.62 -2.67 37.16
N PRO D 41 2.39 -3.07 38.43
CA PRO D 41 1.14 -2.76 39.12
C PRO D 41 0.77 -1.29 39.00
N GLY D 42 -0.35 -1.01 38.34
CA GLY D 42 -0.92 0.33 38.32
C GLY D 42 -0.55 1.12 37.08
N GLN D 43 0.20 0.49 36.17
CA GLN D 43 0.62 1.13 34.93
C GLN D 43 0.19 0.31 33.73
N ALA D 44 0.24 0.94 32.56
CA ALA D 44 -0.12 0.30 31.31
C ALA D 44 1.01 -0.62 30.87
N PRO D 45 0.69 -1.67 30.10
CA PRO D 45 1.77 -2.48 29.53
C PRO D 45 2.71 -1.65 28.67
N ARG D 46 3.96 -2.09 28.57
CA ARG D 46 4.97 -1.39 27.80
C ARG D 46 5.75 -2.38 26.96
N LEU D 47 5.91 -2.06 25.67
CA LEU D 47 6.59 -2.96 24.75
C LEU D 47 8.07 -3.01 25.07
N LEU D 48 8.57 -4.20 25.37
CA LEU D 48 10.00 -4.42 25.56
C LEU D 48 10.66 -4.95 24.28
N ILE D 49 10.05 -5.95 23.67
CA ILE D 49 10.67 -6.66 22.55
C ILE D 49 9.63 -6.99 21.47
N TYR D 50 10.04 -6.88 20.21
CA TYR D 50 9.24 -7.38 19.09
C TYR D 50 10.12 -8.16 18.13
N GLY D 51 9.48 -8.88 17.20
CA GLY D 51 10.20 -9.66 16.21
C GLY D 51 10.92 -10.85 16.82
N ALA D 52 10.64 -11.10 18.11
CA ALA D 52 11.35 -12.13 18.88
C ALA D 52 12.65 -11.60 19.48
N SER D 53 13.35 -10.75 18.74
CA SER D 53 14.72 -10.34 19.09
C SER D 53 14.81 -8.85 19.43
N SER D 54 14.30 -8.01 18.53
CA SER D 54 14.73 -6.61 18.45
C SER D 54 14.03 -5.75 19.49
N ARG D 55 14.71 -4.67 19.91
CA ARG D 55 14.28 -3.89 21.08
C ARG D 55 13.97 -2.43 20.73
N PRO D 56 12.70 -2.02 20.87
CA PRO D 56 12.27 -0.64 20.71
C PRO D 56 13.23 0.36 21.34
N SER D 57 13.51 1.44 20.60
CA SER D 57 14.34 2.53 21.11
C SER D 57 13.90 2.91 22.53
N GLY D 58 14.74 2.61 23.51
CA GLY D 58 14.36 2.69 24.91
C GLY D 58 14.69 1.40 25.65
N SER D 64 16.88 -8.85 27.02
CA SER D 64 17.26 -9.77 25.95
C SER D 64 16.12 -10.71 25.58
N GLY D 65 15.79 -10.75 24.30
CA GLY D 65 14.84 -11.72 23.77
C GLY D 65 15.44 -12.58 22.67
N SER D 66 15.10 -13.86 22.66
CA SER D 66 15.67 -14.82 21.72
C SER D 66 14.66 -15.90 21.36
N GLY D 67 15.01 -16.75 20.40
CA GLY D 67 14.24 -17.97 20.13
C GLY D 67 13.63 -18.01 18.74
N SER D 68 12.98 -19.13 18.41
CA SER D 68 12.36 -19.32 17.10
C SER D 68 11.27 -20.40 17.17
N GLY D 69 10.48 -20.53 16.10
CA GLY D 69 9.52 -21.62 15.97
C GLY D 69 8.49 -21.68 17.08
N THR D 70 8.70 -22.60 18.01
CA THR D 70 7.71 -22.86 19.07
C THR D 70 8.25 -22.55 20.47
N ASP D 71 9.55 -22.32 20.58
CA ASP D 71 10.15 -21.93 21.85
C ASP D 71 10.69 -20.50 21.78
N PHE D 72 10.49 -19.73 22.87
CA PHE D 72 10.91 -18.33 22.91
C PHE D 72 11.26 -17.93 24.34
N THR D 73 12.30 -17.13 24.49
CA THR D 73 12.86 -16.87 25.80
C THR D 73 13.04 -15.37 26.04
N LEU D 74 12.73 -14.94 27.27
CA LEU D 74 12.94 -13.55 27.69
C LEU D 74 13.83 -13.51 28.92
N THR D 75 14.85 -12.67 28.87
CA THR D 75 15.83 -12.56 29.96
C THR D 75 16.34 -11.12 30.04
N ILE D 76 16.38 -10.57 31.26
CA ILE D 76 16.59 -9.15 31.45
C ILE D 76 18.07 -8.84 31.67
N ALA D 85 6.52 -5.81 36.33
CA ALA D 85 6.87 -7.01 37.10
C ALA D 85 6.02 -8.21 36.64
N VAL D 86 5.03 -7.95 35.79
CA VAL D 86 4.32 -9.01 35.08
C VAL D 86 4.67 -8.99 33.60
N TYR D 87 5.09 -10.14 33.07
CA TYR D 87 5.64 -10.20 31.71
C TYR D 87 4.87 -11.16 30.79
N TYR D 88 4.39 -10.64 29.66
CA TYR D 88 3.55 -11.40 28.72
C TYR D 88 4.23 -11.57 27.35
N CYS D 89 4.13 -12.78 26.78
CA CYS D 89 4.49 -12.98 25.38
C CYS D 89 3.25 -12.81 24.50
N GLN D 90 3.47 -12.49 23.23
CA GLN D 90 2.37 -12.25 22.31
C GLN D 90 2.75 -12.64 20.89
N GLN D 91 1.95 -13.52 20.31
CA GLN D 91 2.13 -13.95 18.92
C GLN D 91 1.23 -13.13 18.00
N TYR D 92 1.77 -12.70 16.87
CA TYR D 92 1.03 -11.90 15.88
C TYR D 92 1.58 -12.16 14.47
N LEU D 96 -5.50 -12.48 13.92
CA LEU D 96 -6.04 -13.20 15.07
C LEU D 96 -4.95 -13.51 16.09
N SER D 97 -4.41 -12.45 16.72
CA SER D 97 -3.26 -12.59 17.61
C SER D 97 -3.65 -12.91 19.06
N THR D 98 -2.67 -13.38 19.83
CA THR D 98 -2.92 -13.96 21.14
C THR D 98 -1.74 -13.72 22.09
N PHE D 99 -2.05 -13.64 23.38
CA PHE D 99 -1.06 -13.49 24.44
C PHE D 99 -0.87 -14.83 25.14
N GLY D 100 0.23 -14.95 25.87
CA GLY D 100 0.35 -15.99 26.89
C GLY D 100 -0.36 -15.56 28.16
N GLN D 101 -0.32 -16.43 29.17
CA GLN D 101 -1.02 -16.17 30.42
C GLN D 101 -0.20 -15.31 31.36
N GLY D 102 1.00 -14.94 30.93
CA GLY D 102 1.89 -14.12 31.75
C GLY D 102 2.63 -14.94 32.79
N THR D 103 3.77 -14.41 33.25
CA THR D 103 4.53 -15.00 34.33
C THR D 103 4.90 -13.89 35.30
N LYS D 104 4.66 -14.14 36.60
CA LYS D 104 4.70 -13.08 37.60
C LYS D 104 6.07 -13.01 38.25
N VAL D 105 6.90 -12.07 37.80
CA VAL D 105 8.26 -11.92 38.32
C VAL D 105 8.30 -10.96 39.51
N GLN E 3 -26.62 -9.08 10.31
CA GLN E 3 -25.96 -7.96 9.58
C GLN E 3 -26.01 -8.20 8.07
N VAL E 4 -24.87 -8.56 7.48
CA VAL E 4 -24.77 -8.63 6.03
C VAL E 4 -25.69 -9.70 5.47
N GLN E 5 -26.36 -9.38 4.37
CA GLN E 5 -27.12 -10.36 3.60
C GLN E 5 -26.74 -10.24 2.14
N LEU E 6 -26.59 -11.40 1.48
CA LEU E 6 -26.34 -11.45 0.05
C LEU E 6 -27.51 -12.14 -0.63
N VAL E 7 -28.15 -11.46 -1.58
CA VAL E 7 -29.28 -12.03 -2.31
C VAL E 7 -29.01 -12.10 -3.80
N GLN E 8 -29.21 -13.28 -4.37
CA GLN E 8 -28.85 -13.53 -5.75
C GLN E 8 -30.09 -13.55 -6.63
N SER E 9 -29.90 -13.32 -7.93
CA SER E 9 -30.96 -13.42 -8.93
C SER E 9 -31.43 -14.87 -9.11
N GLY E 10 -32.59 -15.04 -9.76
CA GLY E 10 -33.25 -16.34 -9.86
C GLY E 10 -32.68 -17.29 -10.89
N ALA E 11 -33.11 -18.55 -10.84
CA ALA E 11 -32.59 -19.60 -11.71
C ALA E 11 -32.75 -19.28 -13.20
N GLU E 12 -31.82 -19.77 -14.00
CA GLU E 12 -31.81 -19.53 -15.45
C GLU E 12 -31.75 -20.85 -16.23
N VAL E 13 -32.48 -20.90 -17.33
CA VAL E 13 -32.33 -21.96 -18.33
C VAL E 13 -31.91 -21.35 -19.67
N LYS E 14 -30.81 -21.87 -20.22
CA LYS E 14 -30.15 -21.21 -21.34
CA LYS E 14 -30.14 -21.21 -21.35
C LYS E 14 -29.64 -22.22 -22.38
N ARG E 15 -29.66 -21.83 -23.65
CA ARG E 15 -29.15 -22.67 -24.73
C ARG E 15 -27.62 -22.58 -24.78
N PRO E 16 -26.97 -23.64 -25.31
CA PRO E 16 -25.52 -23.61 -25.53
C PRO E 16 -25.10 -22.44 -26.41
N GLY E 17 -23.96 -21.84 -26.11
CA GLY E 17 -23.44 -20.73 -26.92
C GLY E 17 -23.96 -19.38 -26.45
N SER E 18 -24.97 -19.40 -25.58
CA SER E 18 -25.53 -18.16 -25.08
C SER E 18 -24.73 -17.65 -23.88
N SER E 19 -24.98 -16.40 -23.50
CA SER E 19 -24.34 -15.82 -22.32
C SER E 19 -25.37 -15.68 -21.20
N VAL E 20 -24.90 -15.63 -19.97
CA VAL E 20 -25.77 -15.48 -18.81
C VAL E 20 -25.11 -14.54 -17.83
N THR E 21 -25.90 -13.71 -17.17
CA THR E 21 -25.38 -12.82 -16.13
C THR E 21 -26.15 -12.99 -14.82
N VAL E 22 -25.42 -13.35 -13.78
CA VAL E 22 -25.99 -13.61 -12.47
C VAL E 22 -25.63 -12.44 -11.56
N SER E 23 -26.55 -12.07 -10.68
CA SER E 23 -26.35 -10.89 -9.87
C SER E 23 -26.34 -11.24 -8.39
N CYS E 24 -25.57 -10.46 -7.63
CA CYS E 24 -25.48 -10.62 -6.19
C CYS E 24 -25.57 -9.25 -5.53
N LYS E 25 -26.64 -9.03 -4.77
CA LYS E 25 -26.89 -7.74 -4.14
C LYS E 25 -26.62 -7.83 -2.63
N ALA E 26 -25.77 -6.93 -2.15
CA ALA E 26 -25.34 -6.95 -0.76
C ALA E 26 -26.07 -5.87 0.03
N SER E 27 -26.54 -6.23 1.21
CA SER E 27 -27.06 -5.27 2.19
C SER E 27 -25.96 -4.80 3.14
N SER E 30 -21.39 -2.23 3.69
CA SER E 30 -20.03 -1.92 3.26
C SER E 30 -19.65 -2.70 2.01
N PHE E 31 -20.48 -2.56 0.97
CA PHE E 31 -20.26 -3.23 -0.32
C PHE E 31 -18.86 -3.01 -0.88
N SER E 32 -18.35 -1.79 -0.73
CA SER E 32 -17.18 -1.39 -1.50
C SER E 32 -15.95 -2.06 -0.91
N THR E 33 -16.04 -2.41 0.38
CA THR E 33 -14.87 -2.67 1.19
C THR E 33 -14.42 -4.14 1.24
N TYR E 34 -15.30 -5.06 0.89
CA TYR E 34 -14.96 -6.48 0.97
C TYR E 34 -14.91 -7.10 -0.41
N ALA E 35 -14.07 -8.10 -0.57
CA ALA E 35 -13.97 -8.75 -1.87
C ALA E 35 -15.21 -9.61 -2.02
N LEU E 36 -15.82 -9.52 -3.19
CA LEU E 36 -16.95 -10.34 -3.51
C LEU E 36 -16.53 -11.38 -4.53
N SER E 37 -16.68 -12.65 -4.15
CA SER E 37 -16.20 -13.75 -4.97
C SER E 37 -17.37 -14.58 -5.51
N TRP E 38 -17.12 -15.23 -6.63
CA TRP E 38 -18.05 -16.21 -7.18
C TRP E 38 -17.50 -17.64 -7.09
N VAL E 39 -18.35 -18.55 -6.65
CA VAL E 39 -17.97 -19.94 -6.43
C VAL E 39 -18.95 -20.85 -7.16
N ARG E 40 -18.41 -21.76 -7.96
CA ARG E 40 -19.23 -22.68 -8.74
C ARG E 40 -19.41 -24.02 -8.01
N GLN E 41 -20.62 -24.56 -8.06
CA GLN E 41 -20.86 -25.93 -7.62
C GLN E 41 -21.63 -26.73 -8.67
N ALA E 42 -20.94 -27.61 -9.39
CA ALA E 42 -21.59 -28.48 -10.37
C ALA E 42 -22.41 -29.57 -9.68
N GLY E 46 -18.26 -30.64 -6.20
CA GLY E 46 -17.71 -29.81 -5.13
C GLY E 46 -17.68 -28.34 -5.49
N LEU E 47 -16.98 -27.55 -4.68
CA LEU E 47 -16.98 -26.11 -4.81
C LEU E 47 -15.71 -25.65 -5.53
N GLU E 48 -15.85 -24.63 -6.36
CA GLU E 48 -14.73 -24.09 -7.13
C GLU E 48 -14.76 -22.57 -7.14
N TRP E 49 -13.68 -21.94 -6.68
CA TRP E 49 -13.54 -20.50 -6.74
C TRP E 49 -13.28 -20.03 -8.17
N MET E 50 -14.08 -19.08 -8.64
CA MET E 50 -13.99 -18.63 -10.02
C MET E 50 -13.19 -17.34 -10.13
N GLY E 51 -13.25 -16.53 -9.08
CA GLY E 51 -12.72 -15.19 -9.16
C GLY E 51 -13.49 -14.28 -8.23
N GLY E 52 -13.05 -13.03 -8.19
CA GLY E 52 -13.62 -12.07 -7.28
C GLY E 52 -13.19 -10.68 -7.63
N VAL E 53 -13.80 -9.72 -6.96
CA VAL E 53 -13.55 -8.31 -7.20
C VAL E 53 -13.60 -7.55 -5.89
N ILE E 54 -12.68 -6.58 -5.74
CA ILE E 54 -12.72 -5.61 -4.67
C ILE E 54 -13.26 -4.30 -5.23
N PRO E 55 -14.53 -4.02 -4.97
CA PRO E 55 -15.18 -2.91 -5.65
C PRO E 55 -14.49 -1.56 -5.42
N LEU E 56 -13.98 -1.33 -4.22
CA LEU E 56 -13.38 -0.03 -3.87
C LEU E 56 -12.19 0.31 -4.76
N LEU E 57 -11.46 -0.70 -5.17
CA LEU E 57 -10.18 -0.51 -5.83
C LEU E 57 -10.26 -0.92 -7.28
N THR E 58 -11.40 -1.45 -7.70
CA THR E 58 -11.57 -1.92 -9.07
C THR E 58 -10.48 -2.93 -9.39
N ILE E 59 -10.31 -3.90 -8.51
CA ILE E 59 -9.38 -4.99 -8.73
C ILE E 59 -10.15 -6.30 -8.86
N THR E 60 -9.94 -6.98 -9.98
CA THR E 60 -10.53 -8.28 -10.20
C THR E 60 -9.42 -9.29 -10.28
N ASN E 61 -9.71 -10.49 -9.82
CA ASN E 61 -8.80 -11.59 -10.00
C ASN E 61 -9.61 -12.78 -10.47
N TYR E 62 -9.06 -13.52 -11.43
CA TYR E 62 -9.73 -14.68 -11.95
C TYR E 62 -8.90 -15.93 -11.69
N ALA E 63 -9.58 -17.02 -11.40
CA ALA E 63 -8.94 -18.33 -11.43
C ALA E 63 -8.54 -18.65 -12.87
N PRO E 64 -7.31 -19.16 -13.07
CA PRO E 64 -6.80 -19.46 -14.42
C PRO E 64 -7.73 -20.30 -15.29
N ARG E 65 -8.42 -21.27 -14.68
CA ARG E 65 -9.33 -22.14 -15.41
C ARG E 65 -10.54 -21.38 -15.97
N PHE E 66 -10.89 -20.26 -15.34
CA PHE E 66 -12.05 -19.47 -15.76
C PHE E 66 -11.64 -18.21 -16.53
N GLN E 67 -10.34 -17.90 -16.52
CA GLN E 67 -9.86 -16.68 -17.13
C GLN E 67 -10.26 -16.66 -18.60
N GLY E 68 -10.89 -15.56 -19.01
CA GLY E 68 -11.21 -15.36 -20.42
C GLY E 68 -12.57 -15.90 -20.85
N ARG E 69 -13.22 -16.66 -19.98
CA ARG E 69 -14.55 -17.18 -20.27
C ARG E 69 -15.61 -16.48 -19.40
N ILE E 70 -15.15 -15.79 -18.37
CA ILE E 70 -16.06 -15.04 -17.51
C ILE E 70 -15.63 -13.59 -17.35
N THR E 71 -16.58 -12.75 -16.97
CA THR E 71 -16.32 -11.37 -16.59
C THR E 71 -17.06 -11.07 -15.29
N ILE E 72 -16.35 -10.49 -14.33
CA ILE E 72 -16.92 -10.14 -13.04
C ILE E 72 -16.84 -8.62 -12.90
N THR E 73 -17.96 -8.01 -12.54
CA THR E 73 -18.02 -6.57 -12.34
C THR E 73 -18.78 -6.26 -11.07
N ALA E 74 -18.64 -5.01 -10.64
CA ALA E 74 -19.36 -4.53 -9.48
C ALA E 74 -19.88 -3.12 -9.75
N ASP E 75 -21.11 -2.87 -9.33
CA ASP E 75 -21.76 -1.57 -9.49
C ASP E 75 -21.91 -0.95 -8.11
N ARG E 76 -21.08 0.05 -7.82
CA ARG E 76 -20.99 0.58 -6.46
C ARG E 76 -22.27 1.30 -6.06
N SER E 77 -22.95 1.91 -7.02
CA SER E 77 -24.15 2.68 -6.71
C SER E 77 -25.34 1.81 -6.28
N THR E 78 -25.34 0.53 -6.64
CA THR E 78 -26.44 -0.37 -6.27
C THR E 78 -25.99 -1.51 -5.37
N SER E 79 -24.73 -1.48 -4.94
CA SER E 79 -24.19 -2.55 -4.09
C SER E 79 -24.43 -3.94 -4.68
N THR E 80 -24.26 -4.06 -5.99
CA THR E 80 -24.53 -5.31 -6.67
C THR E 80 -23.32 -5.77 -7.49
N ALA E 81 -22.94 -7.04 -7.30
CA ALA E 81 -21.88 -7.66 -8.09
C ALA E 81 -22.47 -8.58 -9.14
N TYR E 82 -21.73 -8.74 -10.24
CA TYR E 82 -22.23 -9.46 -11.38
C TYR E 82 -21.21 -10.50 -11.87
N LEU E 83 -21.72 -11.66 -12.24
CA LEU E 83 -20.94 -12.69 -12.90
C LEU E 83 -21.53 -12.94 -14.28
N GLU E 84 -20.77 -12.65 -15.32
CA GLU E 84 -21.17 -13.00 -16.67
C GLU E 84 -20.41 -14.21 -17.18
N LEU E 85 -21.14 -15.25 -17.58
CA LEU E 85 -20.57 -16.43 -18.20
C LEU E 85 -20.95 -16.46 -19.67
N ASN E 86 -19.97 -16.35 -20.56
CA ASN E 86 -20.28 -16.34 -22.00
C ASN E 86 -20.03 -17.72 -22.62
N SER E 87 -20.49 -17.88 -23.86
CA SER E 87 -20.35 -19.15 -24.58
C SER E 87 -20.61 -20.33 -23.67
N LEU E 88 -21.83 -20.43 -23.14
CA LEU E 88 -22.20 -21.52 -22.24
C LEU E 88 -22.04 -22.89 -22.91
N ARG E 89 -21.54 -23.85 -22.14
CA ARG E 89 -21.49 -25.25 -22.54
C ARG E 89 -22.08 -26.12 -21.43
N PRO E 90 -22.49 -27.34 -21.77
CA PRO E 90 -23.12 -28.23 -20.79
C PRO E 90 -22.33 -28.32 -19.48
N GLU E 91 -21.00 -28.28 -19.57
CA GLU E 91 -20.13 -28.26 -18.39
C GLU E 91 -20.45 -27.11 -17.44
N ASP E 92 -21.11 -26.07 -17.94
CA ASP E 92 -21.35 -24.86 -17.16
C ASP E 92 -22.62 -24.94 -16.30
N THR E 93 -23.40 -26.00 -16.49
CA THR E 93 -24.55 -26.26 -15.65
C THR E 93 -24.10 -26.43 -14.20
N ALA E 94 -24.64 -25.62 -13.31
CA ALA E 94 -24.17 -25.53 -11.93
C ALA E 94 -24.98 -24.55 -11.11
N VAL E 95 -24.82 -24.63 -9.80
CA VAL E 95 -25.24 -23.55 -8.92
C VAL E 95 -24.07 -22.59 -8.73
N TYR E 96 -24.32 -21.31 -8.92
CA TYR E 96 -23.31 -20.28 -8.74
C TYR E 96 -23.60 -19.48 -7.48
N TYR E 97 -22.64 -19.45 -6.58
CA TYR E 97 -22.77 -18.75 -5.31
C TYR E 97 -21.91 -17.49 -5.33
N CYS E 98 -22.44 -16.41 -4.78
CA CYS E 98 -21.60 -15.27 -4.40
C CYS E 98 -21.28 -15.39 -2.92
N ALA E 99 -20.12 -14.90 -2.54
CA ALA E 99 -19.66 -15.04 -1.17
C ALA E 99 -18.70 -13.91 -0.83
N ARG E 100 -18.65 -13.55 0.45
CA ARG E 100 -17.66 -12.59 0.90
C ARG E 100 -17.11 -12.91 2.29
N GLU E 101 -15.95 -12.34 2.57
CA GLU E 101 -15.24 -12.53 3.83
C GLU E 101 -15.91 -11.75 4.95
N GLY E 102 -15.76 -12.24 6.17
CA GLY E 102 -16.24 -11.55 7.35
C GLY E 102 -15.21 -10.58 7.86
N THR E 103 -15.46 -10.07 9.07
CA THR E 103 -14.62 -9.07 9.68
C THR E 103 -13.49 -9.75 10.45
N THR E 104 -12.63 -10.43 9.71
CA THR E 104 -11.46 -11.10 10.30
C THR E 104 -10.27 -10.68 9.46
N GLY E 105 -9.18 -10.32 10.13
CA GLY E 105 -8.08 -9.65 9.46
C GLY E 105 -8.50 -8.27 8.99
N TRP E 106 -7.64 -7.66 8.20
CA TRP E 106 -7.73 -6.25 7.92
C TRP E 106 -8.34 -5.96 6.54
N GLY E 107 -9.36 -6.72 6.17
CA GLY E 107 -10.22 -6.35 5.05
C GLY E 107 -9.47 -6.44 3.73
N TRP E 108 -9.72 -5.49 2.85
CA TRP E 108 -9.07 -5.47 1.55
C TRP E 108 -7.57 -5.22 1.69
N LEU E 109 -7.16 -4.70 2.84
CA LEU E 109 -5.77 -4.30 3.03
C LEU E 109 -4.90 -5.48 3.46
N GLY E 110 -5.51 -6.46 4.08
CA GLY E 110 -4.75 -7.57 4.63
C GLY E 110 -4.40 -8.56 3.53
N LYS E 111 -5.40 -8.89 2.73
CA LYS E 111 -5.29 -9.93 1.73
C LYS E 111 -6.30 -9.65 0.65
N PRO E 112 -6.06 -10.21 -0.54
CA PRO E 112 -7.04 -10.20 -1.62
C PRO E 112 -8.20 -11.17 -1.40
N ILE E 113 -8.03 -12.14 -0.52
CA ILE E 113 -9.03 -13.20 -0.39
C ILE E 113 -8.89 -13.92 0.95
N GLY E 114 -9.99 -14.54 1.41
CA GLY E 114 -9.96 -15.33 2.63
C GLY E 114 -11.05 -16.37 2.73
N ALA E 115 -11.45 -16.66 3.96
CA ALA E 115 -12.60 -17.52 4.23
C ALA E 115 -13.89 -16.78 3.92
N PHE E 116 -14.93 -17.52 3.57
CA PHE E 116 -16.19 -16.92 3.13
C PHE E 116 -17.21 -17.02 4.26
N ALA E 117 -17.36 -15.94 5.01
CA ALA E 117 -18.25 -15.91 6.17
C ALA E 117 -19.70 -15.74 5.74
N HIS E 118 -19.92 -15.12 4.58
CA HIS E 118 -21.28 -14.84 4.13
C HIS E 118 -21.51 -15.30 2.69
N TRP E 119 -22.65 -15.93 2.46
CA TRP E 119 -22.97 -16.54 1.17
C TRP E 119 -24.34 -16.09 0.71
N GLY E 120 -24.51 -15.92 -0.60
CA GLY E 120 -25.85 -15.91 -1.20
C GLY E 120 -26.52 -17.27 -1.22
N GLN E 121 -27.77 -17.30 -1.65
CA GLN E 121 -28.57 -18.53 -1.62
C GLN E 121 -28.28 -19.40 -2.83
N GLY E 122 -27.50 -18.86 -3.78
CA GLY E 122 -27.14 -19.60 -4.99
C GLY E 122 -28.10 -19.33 -6.14
N THR E 123 -27.57 -19.41 -7.35
CA THR E 123 -28.37 -19.31 -8.58
C THR E 123 -28.08 -20.51 -9.46
N LEU E 124 -29.10 -21.34 -9.70
CA LEU E 124 -28.97 -22.47 -10.63
C LEU E 124 -28.98 -21.97 -12.06
N VAL E 125 -27.95 -22.32 -12.82
CA VAL E 125 -27.94 -22.12 -14.26
C VAL E 125 -27.94 -23.48 -14.96
N THR E 126 -28.97 -23.73 -15.76
CA THR E 126 -29.07 -24.99 -16.49
C THR E 126 -28.87 -24.74 -17.97
N VAL E 127 -27.91 -25.43 -18.58
CA VAL E 127 -27.68 -25.35 -20.01
C VAL E 127 -28.40 -26.49 -20.73
N SER E 128 -29.26 -26.15 -21.68
CA SER E 128 -29.70 -27.12 -22.68
C SER E 128 -30.38 -26.47 -23.88
N ILE F 2 -2.64 -25.48 -5.18
CA ILE F 2 -2.75 -26.41 -4.03
C ILE F 2 -3.97 -27.32 -4.17
N VAL F 3 -3.73 -28.62 -4.36
CA VAL F 3 -4.80 -29.58 -4.36
C VAL F 3 -5.09 -30.04 -2.93
N LEU F 4 -6.37 -29.97 -2.55
CA LEU F 4 -6.80 -30.44 -1.24
C LEU F 4 -7.57 -31.75 -1.38
N THR F 5 -7.18 -32.74 -0.59
CA THR F 5 -7.77 -34.06 -0.67
C THR F 5 -8.41 -34.37 0.66
N GLN F 6 -9.73 -34.58 0.65
CA GLN F 6 -10.45 -34.90 1.86
C GLN F 6 -10.67 -36.40 2.01
N SER F 7 -10.59 -36.88 3.25
CA SER F 7 -10.72 -38.29 3.55
C SER F 7 -11.40 -38.47 4.91
N PRO F 8 -12.21 -39.54 5.05
CA PRO F 8 -12.70 -40.34 3.94
C PRO F 8 -13.75 -39.59 3.13
N GLY F 9 -14.10 -40.12 1.96
CA GLY F 9 -15.15 -39.51 1.15
C GLY F 9 -16.49 -39.46 1.84
N THR F 10 -16.81 -40.52 2.59
CA THR F 10 -18.12 -40.66 3.24
C THR F 10 -17.95 -41.31 4.60
N GLN F 11 -18.78 -40.91 5.57
CA GLN F 11 -18.88 -41.60 6.86
C GLN F 11 -20.33 -41.73 7.32
N SER F 12 -20.66 -42.86 7.93
CA SER F 12 -22.01 -43.12 8.42
C SER F 12 -21.98 -43.39 9.92
N LEU F 13 -22.65 -42.54 10.69
CA LEU F 13 -22.50 -42.51 12.14
C LEU F 13 -23.84 -42.36 12.84
N SER F 14 -23.86 -42.59 14.15
CA SER F 14 -25.07 -42.38 14.94
C SER F 14 -24.96 -41.06 15.70
N PRO F 15 -26.12 -40.50 16.11
CA PRO F 15 -26.13 -39.30 16.96
C PRO F 15 -25.41 -39.54 18.28
N GLY F 16 -24.74 -38.50 18.77
CA GLY F 16 -23.95 -38.62 19.99
C GLY F 16 -22.51 -39.02 19.76
N GLU F 17 -22.23 -39.59 18.59
CA GLU F 17 -20.89 -40.07 18.26
C GLU F 17 -19.98 -38.92 17.80
N ARG F 18 -18.66 -39.16 17.84
CA ARG F 18 -17.67 -38.17 17.41
C ARG F 18 -17.17 -38.49 16.00
N ALA F 19 -17.20 -37.49 15.12
CA ALA F 19 -16.71 -37.65 13.76
C ALA F 19 -15.37 -36.95 13.56
N THR F 20 -14.46 -37.61 12.84
CA THR F 20 -13.20 -37.00 12.42
C THR F 20 -13.17 -36.86 10.90
N LEU F 21 -12.77 -35.70 10.41
CA LEU F 21 -12.66 -35.44 8.99
C LEU F 21 -11.27 -34.90 8.66
N SER F 22 -10.65 -35.46 7.62
CA SER F 22 -9.28 -35.12 7.28
C SER F 22 -9.24 -34.30 6.00
N CYS F 23 -8.33 -33.34 5.95
CA CYS F 23 -8.04 -32.56 4.75
C CYS F 23 -6.53 -32.54 4.56
N ARG F 24 -6.05 -33.02 3.42
CA ARG F 24 -4.61 -33.09 3.17
C ARG F 24 -4.23 -32.24 1.96
N ALA F 25 -3.13 -31.49 2.08
CA ALA F 25 -2.77 -30.50 1.10
C ALA F 25 -1.52 -30.92 0.33
N SER F 26 -1.54 -30.72 -0.98
CA SER F 26 -0.39 -31.04 -1.83
C SER F 26 0.84 -30.18 -1.52
N GLN F 27 0.61 -28.99 -0.99
CA GLN F 27 1.69 -28.17 -0.44
C GLN F 27 1.28 -27.56 0.90
N SER F 28 2.26 -27.06 1.64
CA SER F 28 1.99 -26.39 2.91
C SER F 28 1.02 -25.22 2.71
N VAL F 29 0.02 -25.13 3.58
CA VAL F 29 -0.91 -24.00 3.55
C VAL F 29 -0.37 -22.89 4.44
N GLY F 30 -0.08 -21.74 3.84
CA GLY F 30 0.61 -20.64 4.53
C GLY F 30 -0.17 -20.09 5.71
N ASN F 31 0.51 -19.94 6.85
CA ASN F 31 -0.08 -19.36 8.05
C ASN F 31 -1.38 -20.06 8.44
N ASN F 32 -1.47 -21.35 8.14
CA ASN F 32 -2.62 -22.17 8.50
C ASN F 32 -3.94 -21.56 8.03
N LYS F 33 -3.92 -20.94 6.85
CA LYS F 33 -5.14 -20.36 6.28
C LYS F 33 -6.00 -21.44 5.65
N LEU F 34 -6.67 -22.19 6.52
CA LEU F 34 -7.53 -23.27 6.11
C LEU F 34 -8.88 -23.16 6.80
N ALA F 35 -9.94 -23.22 6.02
CA ALA F 35 -11.30 -23.11 6.56
C ALA F 35 -12.08 -24.41 6.36
N TRP F 36 -13.08 -24.63 7.21
CA TRP F 36 -14.05 -25.70 7.01
C TRP F 36 -15.48 -25.15 6.85
N TYR F 37 -16.24 -25.80 5.97
CA TYR F 37 -17.63 -25.41 5.72
C TYR F 37 -18.56 -26.60 5.89
N GLN F 38 -19.74 -26.34 6.43
CA GLN F 38 -20.83 -27.32 6.42
C GLN F 38 -21.86 -26.92 5.37
N GLN F 39 -22.27 -27.87 4.54
CA GLN F 39 -23.37 -27.63 3.61
C GLN F 39 -24.47 -28.68 3.75
N ARG F 40 -25.60 -28.25 4.29
CA ARG F 40 -26.80 -29.07 4.36
C ARG F 40 -27.51 -29.10 3.02
N PRO F 41 -28.31 -30.15 2.78
CA PRO F 41 -29.06 -30.26 1.52
C PRO F 41 -29.89 -29.02 1.20
N GLY F 42 -29.73 -28.50 -0.01
CA GLY F 42 -30.53 -27.37 -0.48
C GLY F 42 -29.97 -26.01 -0.08
N GLN F 43 -28.97 -26.01 0.81
CA GLN F 43 -28.51 -24.77 1.43
C GLN F 43 -27.12 -24.36 0.95
N ALA F 44 -26.78 -23.09 1.18
CA ALA F 44 -25.42 -22.59 0.97
C ALA F 44 -24.48 -23.13 2.04
N PRO F 45 -23.20 -23.27 1.70
CA PRO F 45 -22.16 -23.54 2.69
C PRO F 45 -22.20 -22.57 3.86
N ARG F 46 -21.82 -23.07 5.04
CA ARG F 46 -21.71 -22.25 6.23
C ARG F 46 -20.34 -22.45 6.87
N LEU F 47 -19.70 -21.36 7.25
CA LEU F 47 -18.34 -21.40 7.77
C LEU F 47 -18.31 -21.94 9.21
N LEU F 48 -17.53 -22.99 9.43
CA LEU F 48 -17.38 -23.58 10.76
C LEU F 48 -16.06 -23.18 11.40
N ILE F 49 -15.01 -23.18 10.60
CA ILE F 49 -13.65 -22.97 11.10
C ILE F 49 -12.88 -22.11 10.10
N TYR F 50 -12.06 -21.19 10.61
CA TYR F 50 -11.04 -20.54 9.81
C TYR F 50 -9.74 -20.44 10.59
N GLY F 51 -8.67 -20.11 9.89
CA GLY F 51 -7.33 -20.16 10.47
C GLY F 51 -7.02 -21.53 11.07
N ALA F 52 -7.59 -22.58 10.47
CA ALA F 52 -7.34 -23.95 10.88
C ALA F 52 -8.03 -24.37 12.17
N SER F 53 -8.13 -23.45 13.13
CA SER F 53 -8.66 -23.80 14.45
C SER F 53 -9.58 -22.75 15.06
N SER F 54 -9.85 -21.68 14.32
CA SER F 54 -10.64 -20.56 14.86
C SER F 54 -12.11 -20.72 14.47
N ARG F 55 -12.98 -20.42 15.42
CA ARG F 55 -14.40 -20.67 15.30
C ARG F 55 -15.16 -19.34 15.25
N PRO F 56 -15.91 -19.10 14.16
CA PRO F 56 -16.72 -17.87 14.10
C PRO F 56 -17.69 -17.77 15.26
N SER F 57 -18.11 -16.55 15.57
CA SER F 57 -19.19 -16.36 16.55
C SER F 57 -20.43 -17.13 16.12
N GLY F 58 -21.07 -17.82 17.06
CA GLY F 58 -22.31 -18.53 16.77
C GLY F 58 -22.12 -19.94 16.26
N VAL F 59 -20.87 -20.38 16.12
CA VAL F 59 -20.59 -21.78 15.82
C VAL F 59 -20.36 -22.56 17.11
N ALA F 60 -21.10 -23.65 17.29
CA ALA F 60 -21.04 -24.41 18.55
C ALA F 60 -19.65 -24.99 18.74
N ASP F 61 -19.23 -25.10 20.00
CA ASP F 61 -17.86 -25.47 20.35
C ASP F 61 -17.59 -26.96 20.18
N ARG F 62 -18.62 -27.71 19.79
CA ARG F 62 -18.43 -29.13 19.49
C ARG F 62 -17.76 -29.31 18.12
N PHE F 63 -17.73 -28.24 17.33
CA PHE F 63 -16.88 -28.19 16.12
C PHE F 63 -15.49 -27.69 16.46
N SER F 64 -14.46 -28.46 16.08
CA SER F 64 -13.09 -28.18 16.47
C SER F 64 -12.17 -28.49 15.31
N GLY F 65 -11.42 -27.51 14.82
CA GLY F 65 -10.42 -27.76 13.79
C GLY F 65 -9.02 -27.91 14.38
N SER F 66 -8.07 -28.31 13.55
CA SER F 66 -6.73 -28.67 14.02
C SER F 66 -5.78 -28.80 12.83
N GLY F 67 -4.53 -29.17 13.15
CA GLY F 67 -3.57 -29.70 12.18
C GLY F 67 -2.34 -28.83 12.06
N THR F 70 0.40 -29.50 6.07
CA THR F 70 -0.31 -30.15 4.97
C THR F 70 -1.38 -31.11 5.47
N ASP F 71 -1.63 -31.11 6.77
CA ASP F 71 -2.51 -32.11 7.38
C ASP F 71 -3.47 -31.48 8.38
N PHE F 72 -4.75 -31.42 8.03
CA PHE F 72 -5.74 -30.70 8.83
C PHE F 72 -6.94 -31.59 9.18
N THR F 73 -7.55 -31.30 10.33
CA THR F 73 -8.59 -32.16 10.88
C THR F 73 -9.75 -31.33 11.42
N LEU F 74 -10.97 -31.69 11.01
CA LEU F 74 -12.18 -31.21 11.68
C LEU F 74 -12.76 -32.33 12.53
N THR F 75 -13.06 -32.02 13.78
CA THR F 75 -13.69 -32.97 14.68
C THR F 75 -15.05 -32.42 15.10
N ILE F 76 -16.08 -33.26 14.95
CA ILE F 76 -17.42 -32.90 15.38
C ILE F 76 -17.85 -33.83 16.50
N SER F 77 -18.01 -33.28 17.70
CA SER F 77 -18.43 -34.07 18.84
C SER F 77 -19.94 -34.01 19.02
N ARG F 78 -20.46 -35.02 19.70
CA ARG F 78 -21.90 -35.09 19.99
C ARG F 78 -22.71 -34.76 18.75
N LEU F 79 -22.54 -35.57 17.70
CA LEU F 79 -23.29 -35.41 16.45
C LEU F 79 -24.78 -35.26 16.70
N GLU F 80 -25.41 -34.33 15.98
CA GLU F 80 -26.85 -34.12 16.07
C GLU F 80 -27.50 -34.25 14.69
N PRO F 81 -28.83 -34.33 14.67
CA PRO F 81 -29.59 -34.32 13.42
C PRO F 81 -29.13 -33.27 12.44
N GLU F 82 -28.77 -32.09 12.96
CA GLU F 82 -28.41 -30.96 12.11
C GLU F 82 -27.11 -31.20 11.34
N ASP F 83 -26.31 -32.17 11.78
CA ASP F 83 -24.97 -32.34 11.23
C ASP F 83 -24.94 -33.18 9.96
N PHE F 84 -26.07 -33.77 9.60
CA PHE F 84 -26.16 -34.54 8.37
C PHE F 84 -25.92 -33.60 7.19
N ALA F 85 -24.71 -33.66 6.64
CA ALA F 85 -24.31 -32.70 5.63
C ALA F 85 -23.02 -33.09 4.93
N VAL F 86 -22.66 -32.30 3.93
CA VAL F 86 -21.36 -32.43 3.29
C VAL F 86 -20.44 -31.34 3.84
N TYR F 87 -19.18 -31.70 4.09
CA TYR F 87 -18.22 -30.79 4.69
C TYR F 87 -17.04 -30.57 3.75
N TYR F 88 -16.66 -29.32 3.56
CA TYR F 88 -15.58 -28.94 2.65
C TYR F 88 -14.48 -28.24 3.41
N CYS F 89 -13.22 -28.51 3.06
CA CYS F 89 -12.12 -27.65 3.47
C CYS F 89 -11.74 -26.69 2.34
N GLN F 90 -11.02 -25.64 2.69
CA GLN F 90 -10.64 -24.59 1.75
C GLN F 90 -9.34 -23.96 2.23
N GLN F 91 -8.36 -23.86 1.33
CA GLN F 91 -7.17 -23.09 1.62
C GLN F 91 -7.24 -21.74 0.94
N TYR F 92 -6.83 -20.70 1.67
CA TYR F 92 -6.68 -19.37 1.12
C TYR F 92 -5.33 -18.80 1.54
N GLY F 93 -4.32 -19.67 1.61
CA GLY F 93 -2.95 -19.26 1.89
C GLY F 93 -2.25 -18.73 0.64
N GLN F 94 -2.89 -18.93 -0.50
CA GLN F 94 -2.49 -18.28 -1.74
C GLN F 94 -3.69 -17.57 -2.33
N SER F 95 -3.43 -16.60 -3.21
CA SER F 95 -4.52 -15.81 -3.82
C SER F 95 -5.40 -16.66 -4.73
N LEU F 96 -4.87 -17.77 -5.23
CA LEU F 96 -5.71 -18.79 -5.86
C LEU F 96 -6.27 -19.76 -4.82
N SER F 97 -7.49 -19.48 -4.38
CA SER F 97 -8.16 -20.32 -3.38
C SER F 97 -8.66 -21.62 -4.01
N THR F 98 -8.56 -22.72 -3.26
CA THR F 98 -9.08 -24.00 -3.71
C THR F 98 -9.85 -24.72 -2.60
N PHE F 99 -10.79 -25.57 -3.01
CA PHE F 99 -11.58 -26.38 -2.09
C PHE F 99 -11.21 -27.85 -2.22
N GLY F 100 -11.38 -28.60 -1.14
CA GLY F 100 -11.43 -30.06 -1.22
C GLY F 100 -12.70 -30.55 -1.89
N GLN F 101 -12.78 -31.84 -2.14
CA GLN F 101 -13.88 -32.41 -2.92
C GLN F 101 -15.08 -32.78 -2.05
N GLY F 102 -14.93 -32.67 -0.74
CA GLY F 102 -16.06 -32.81 0.19
C GLY F 102 -16.10 -34.15 0.88
N THR F 103 -16.55 -34.16 2.14
CA THR F 103 -16.82 -35.41 2.85
C THR F 103 -18.26 -35.43 3.36
N LYS F 104 -19.01 -36.46 2.98
CA LYS F 104 -20.41 -36.59 3.41
C LYS F 104 -20.50 -37.30 4.76
N VAL F 105 -21.22 -36.69 5.69
CA VAL F 105 -21.51 -37.32 6.98
C VAL F 105 -22.99 -37.67 7.10
N VAL G 4 -5.07 16.86 -19.11
CA VAL G 4 -5.32 16.89 -17.64
C VAL G 4 -5.37 18.33 -17.13
N GLN G 5 -6.58 18.81 -16.86
CA GLN G 5 -6.81 20.20 -16.48
C GLN G 5 -7.51 20.21 -15.16
N LEU G 6 -7.21 21.22 -14.37
CA LEU G 6 -8.03 21.57 -13.22
C LEU G 6 -8.67 22.90 -13.51
N VAL G 7 -9.99 22.96 -13.45
CA VAL G 7 -10.69 24.22 -13.63
C VAL G 7 -11.58 24.53 -12.43
N GLN G 8 -11.54 25.77 -11.99
CA GLN G 8 -12.20 26.15 -10.76
C GLN G 8 -13.43 27.01 -11.04
N SER G 9 -14.35 27.04 -10.09
CA SER G 9 -15.54 27.86 -10.18
C SER G 9 -15.20 29.35 -10.13
N GLY G 10 -16.18 30.18 -10.50
CA GLY G 10 -15.94 31.61 -10.65
C GLY G 10 -15.88 32.39 -9.34
N ALA G 11 -15.41 33.62 -9.44
CA ALA G 11 -15.22 34.48 -8.27
C ALA G 11 -16.50 34.65 -7.47
N GLU G 12 -16.33 34.82 -6.16
CA GLU G 12 -17.43 34.98 -5.23
C GLU G 12 -17.28 36.25 -4.43
N VAL G 13 -18.39 36.94 -4.22
CA VAL G 13 -18.48 38.01 -3.24
C VAL G 13 -19.48 37.62 -2.15
N LYS G 14 -19.02 37.64 -0.91
CA LYS G 14 -19.80 37.08 0.20
C LYS G 14 -19.76 38.04 1.38
N ARG G 15 -20.88 38.09 2.12
CA ARG G 15 -20.94 38.87 3.35
C ARG G 15 -20.26 38.11 4.48
N PRO G 16 -19.78 38.84 5.49
CA PRO G 16 -19.21 38.22 6.69
C PRO G 16 -20.21 37.30 7.38
N GLY G 17 -19.73 36.17 7.89
CA GLY G 17 -20.59 35.21 8.56
C GLY G 17 -21.20 34.19 7.61
N SER G 18 -21.12 34.46 6.33
CA SER G 18 -21.69 33.56 5.34
C SER G 18 -20.71 32.44 5.01
N SER G 19 -21.22 31.40 4.36
CA SER G 19 -20.41 30.28 3.92
C SER G 19 -20.26 30.31 2.42
N VAL G 20 -19.18 29.72 1.94
CA VAL G 20 -19.01 29.56 0.51
C VAL G 20 -18.27 28.26 0.20
N THR G 21 -18.60 27.67 -0.94
CA THR G 21 -17.94 26.45 -1.39
C THR G 21 -17.35 26.66 -2.77
N VAL G 22 -16.05 26.40 -2.90
CA VAL G 22 -15.32 26.58 -4.14
C VAL G 22 -15.08 25.20 -4.76
N SER G 23 -15.15 25.13 -6.08
CA SER G 23 -15.10 23.84 -6.76
C SER G 23 -13.89 23.73 -7.65
N CYS G 24 -13.40 22.51 -7.74
CA CYS G 24 -12.29 22.20 -8.59
C CYS G 24 -12.58 20.92 -9.35
N LYS G 25 -12.71 21.05 -10.66
CA LYS G 25 -13.09 19.95 -11.53
C LYS G 25 -11.90 19.47 -12.33
N ALA G 26 -11.63 18.17 -12.24
CA ALA G 26 -10.48 17.58 -12.88
C ALA G 26 -10.97 16.84 -14.12
N SER G 27 -10.33 17.10 -15.24
CA SER G 27 -10.62 16.37 -16.46
C SER G 27 -9.41 15.49 -16.70
N GLY G 28 -9.53 14.49 -17.57
CA GLY G 28 -8.39 13.67 -18.00
C GLY G 28 -8.20 12.41 -17.14
N GLY G 29 -9.28 11.97 -16.50
CA GLY G 29 -9.26 10.70 -15.77
C GLY G 29 -8.34 10.73 -14.55
N SER G 30 -8.39 9.68 -13.75
CA SER G 30 -7.53 9.55 -12.58
C SER G 30 -7.78 10.61 -11.49
N PHE G 31 -8.97 11.19 -11.48
CA PHE G 31 -9.41 11.97 -10.31
C PHE G 31 -9.16 11.21 -8.99
N SER G 32 -9.33 9.90 -9.00
CA SER G 32 -9.25 9.10 -7.78
C SER G 32 -7.84 8.68 -7.43
N THR G 33 -6.91 8.80 -8.38
CA THR G 33 -5.56 8.36 -8.17
C THR G 33 -4.66 9.33 -7.38
N TYR G 34 -4.95 10.63 -7.42
CA TYR G 34 -4.01 11.62 -6.92
C TYR G 34 -4.65 12.43 -5.81
N ALA G 35 -3.84 12.91 -4.88
CA ALA G 35 -4.35 13.74 -3.82
C ALA G 35 -4.57 15.14 -4.37
N LEU G 36 -5.69 15.75 -3.99
CA LEU G 36 -6.01 17.11 -4.37
C LEU G 36 -5.90 18.06 -3.19
N SER G 37 -5.10 19.11 -3.32
CA SER G 37 -4.89 20.07 -2.24
C SER G 37 -5.49 21.44 -2.55
N TRP G 38 -5.81 22.18 -1.50
CA TRP G 38 -6.20 23.58 -1.61
C TRP G 38 -5.15 24.51 -0.99
N VAL G 39 -4.83 25.57 -1.73
CA VAL G 39 -3.80 26.51 -1.33
C VAL G 39 -4.37 27.92 -1.38
N ARG G 40 -4.21 28.66 -0.28
CA ARG G 40 -4.70 30.03 -0.17
C ARG G 40 -3.61 31.05 -0.54
N GLN G 41 -4.01 32.09 -1.25
CA GLN G 41 -3.14 33.24 -1.46
C GLN G 41 -3.86 34.56 -1.18
N ALA G 42 -3.56 35.18 -0.04
CA ALA G 42 -4.16 36.48 0.29
C ALA G 42 -3.57 37.59 -0.60
N PRO G 43 -4.32 38.67 -0.84
CA PRO G 43 -3.90 39.72 -1.80
C PRO G 43 -2.52 40.28 -1.50
N GLY G 44 -1.64 40.25 -2.50
CA GLY G 44 -0.29 40.81 -2.36
C GLY G 44 0.61 39.93 -1.50
N ARG G 45 0.15 38.74 -1.17
CA ARG G 45 0.81 37.95 -0.13
C ARG G 45 1.10 36.54 -0.64
N GLY G 46 1.53 35.66 0.27
CA GLY G 46 2.15 34.41 -0.13
C GLY G 46 1.17 33.25 -0.14
N LEU G 47 1.71 32.05 -0.33
CA LEU G 47 0.91 30.85 -0.53
C LEU G 47 0.84 30.08 0.76
N GLU G 48 -0.33 29.49 1.04
CA GLU G 48 -0.54 28.71 2.24
C GLU G 48 -1.33 27.45 1.91
N TRP G 49 -0.75 26.31 2.25
CA TRP G 49 -1.43 25.05 2.12
C TRP G 49 -2.51 24.94 3.18
N MET G 50 -3.72 24.61 2.75
CA MET G 50 -4.87 24.54 3.65
C MET G 50 -5.14 23.12 4.06
N GLY G 51 -4.87 22.20 3.15
CA GLY G 51 -5.32 20.83 3.31
C GLY G 51 -5.51 20.15 1.98
N GLY G 52 -5.86 18.88 2.04
CA GLY G 52 -6.00 18.09 0.85
C GLY G 52 -6.77 16.83 1.14
N VAL G 53 -7.13 16.12 0.07
CA VAL G 53 -7.95 14.93 0.15
C VAL G 53 -7.47 13.90 -0.87
N ILE G 54 -7.49 12.64 -0.47
CA ILE G 54 -7.33 11.51 -1.38
C ILE G 54 -8.70 10.98 -1.72
N PRO G 55 -9.24 11.34 -2.90
CA PRO G 55 -10.63 11.04 -3.23
C PRO G 55 -10.97 9.56 -3.17
N LEU G 56 -10.05 8.69 -3.55
CA LEU G 56 -10.34 7.26 -3.58
C LEU G 56 -10.76 6.74 -2.20
N LEU G 57 -10.15 7.31 -1.15
CA LEU G 57 -10.26 6.78 0.21
C LEU G 57 -10.96 7.77 1.15
N THR G 58 -11.37 8.91 0.63
CA THR G 58 -12.07 9.93 1.44
C THR G 58 -11.24 10.37 2.66
N ILE G 59 -9.93 10.45 2.49
CA ILE G 59 -9.03 10.79 3.59
C ILE G 59 -8.61 12.23 3.38
N THR G 60 -8.79 13.05 4.40
CA THR G 60 -8.41 14.45 4.34
C THR G 60 -7.32 14.70 5.36
N ASN G 61 -6.46 15.66 5.05
CA ASN G 61 -5.57 16.24 6.04
C ASN G 61 -5.76 17.74 5.98
N TYR G 62 -5.64 18.38 7.14
CA TYR G 62 -5.78 19.81 7.25
C TYR G 62 -4.58 20.43 7.94
N ALA G 63 -4.18 21.61 7.47
CA ALA G 63 -3.22 22.42 8.20
C ALA G 63 -3.82 22.88 9.52
N PRO G 64 -3.05 22.83 10.61
CA PRO G 64 -3.55 23.17 11.97
C PRO G 64 -4.26 24.52 12.05
N ARG G 65 -3.77 25.52 11.31
CA ARG G 65 -4.41 26.83 11.32
C ARG G 65 -5.83 26.81 10.72
N PHE G 66 -6.10 25.86 9.84
CA PHE G 66 -7.40 25.76 9.17
C PHE G 66 -8.25 24.63 9.76
N GLN G 67 -7.65 23.80 10.62
CA GLN G 67 -8.33 22.64 11.19
C GLN G 67 -9.53 23.08 12.02
N GLY G 68 -10.66 22.41 11.82
CA GLY G 68 -11.89 22.78 12.51
C GLY G 68 -12.70 23.87 11.85
N ARG G 69 -12.13 24.53 10.84
CA ARG G 69 -12.76 25.72 10.23
C ARG G 69 -13.15 25.55 8.76
N ILE G 70 -12.52 24.59 8.10
CA ILE G 70 -12.86 24.25 6.71
C ILE G 70 -13.13 22.76 6.63
N THR G 71 -13.77 22.37 5.54
CA THR G 71 -13.76 21.00 5.15
C THR G 71 -13.43 20.94 3.68
N ILE G 72 -12.96 19.77 3.31
CA ILE G 72 -12.68 19.46 1.93
C ILE G 72 -13.36 18.14 1.60
N THR G 73 -14.03 18.11 0.45
CA THR G 73 -14.73 16.90 0.01
C THR G 73 -14.43 16.65 -1.46
N ALA G 74 -14.72 15.43 -1.89
CA ALA G 74 -14.50 15.03 -3.26
C ALA G 74 -15.65 14.15 -3.74
N ASP G 75 -16.18 14.46 -4.91
CA ASP G 75 -17.32 13.75 -5.49
C ASP G 75 -16.80 12.93 -6.68
N ARG G 76 -16.69 11.62 -6.50
CA ARG G 76 -16.04 10.77 -7.48
C ARG G 76 -16.88 10.68 -8.76
N SER G 77 -18.19 10.81 -8.65
CA SER G 77 -19.06 10.74 -9.80
C SER G 77 -18.85 11.86 -10.81
N THR G 78 -18.38 13.00 -10.35
CA THR G 78 -18.22 14.17 -11.22
C THR G 78 -16.76 14.63 -11.31
N SER G 79 -15.84 13.87 -10.71
CA SER G 79 -14.43 14.25 -10.68
C SER G 79 -14.21 15.68 -10.19
N THR G 80 -14.97 16.08 -9.17
CA THR G 80 -14.91 17.45 -8.68
C THR G 80 -14.60 17.45 -7.19
N ALA G 81 -13.61 18.24 -6.79
CA ALA G 81 -13.28 18.45 -5.39
C ALA G 81 -13.80 19.80 -4.92
N TYR G 82 -14.08 19.90 -3.63
CA TYR G 82 -14.73 21.06 -3.08
C TYR G 82 -14.02 21.54 -1.81
N LEU G 83 -13.94 22.86 -1.68
CA LEU G 83 -13.47 23.49 -0.47
C LEU G 83 -14.59 24.31 0.14
N GLU G 84 -15.00 23.92 1.35
CA GLU G 84 -16.06 24.60 2.06
C GLU G 84 -15.51 25.50 3.18
N LEU G 85 -15.74 26.81 3.08
CA LEU G 85 -15.47 27.77 4.15
C LEU G 85 -16.76 28.19 4.82
N ASN G 86 -16.78 28.25 6.14
CA ASN G 86 -17.91 28.85 6.82
C ASN G 86 -17.51 30.05 7.68
N SER G 87 -18.51 30.76 8.17
CA SER G 87 -18.30 31.98 8.96
C SER G 87 -17.15 32.80 8.40
N LEU G 88 -17.29 33.27 7.16
CA LEU G 88 -16.27 34.07 6.52
C LEU G 88 -15.95 35.33 7.34
N ARG G 89 -14.67 35.67 7.41
CA ARG G 89 -14.22 36.95 7.93
C ARG G 89 -13.45 37.68 6.83
N PRO G 90 -13.19 38.98 7.03
CA PRO G 90 -12.37 39.76 6.09
C PRO G 90 -11.01 39.13 5.81
N GLU G 91 -10.41 38.51 6.83
CA GLU G 91 -9.15 37.79 6.67
C GLU G 91 -9.21 36.69 5.61
N ASP G 92 -10.42 36.23 5.29
CA ASP G 92 -10.59 35.09 4.38
C ASP G 92 -10.58 35.52 2.91
N THR G 93 -10.58 36.82 2.68
CA THR G 93 -10.45 37.35 1.33
C THR G 93 -9.12 36.90 0.72
N ALA G 94 -9.19 36.22 -0.42
CA ALA G 94 -8.04 35.57 -1.00
C ALA G 94 -8.37 34.89 -2.32
N VAL G 95 -7.34 34.55 -3.07
CA VAL G 95 -7.48 33.61 -4.16
C VAL G 95 -7.21 32.20 -3.63
N TYR G 96 -8.13 31.29 -3.91
CA TYR G 96 -8.01 29.89 -3.49
C TYR G 96 -7.70 29.03 -4.71
N TYR G 97 -6.61 28.29 -4.63
CA TYR G 97 -6.14 27.44 -5.72
C TYR G 97 -6.33 25.98 -5.33
N CYS G 98 -6.78 25.16 -6.27
CA CYS G 98 -6.65 23.72 -6.12
C CYS G 98 -5.40 23.27 -6.88
N ALA G 99 -4.79 22.19 -6.44
CA ALA G 99 -3.54 21.72 -7.02
C ALA G 99 -3.35 20.22 -6.79
N ARG G 100 -2.65 19.56 -7.70
CA ARG G 100 -2.30 18.15 -7.51
CA ARG G 100 -2.27 18.17 -7.47
C ARG G 100 -0.92 17.81 -8.03
N GLU G 101 -0.37 16.70 -7.55
CA GLU G 101 0.92 16.22 -8.08
C GLU G 101 0.84 15.83 -9.54
N GLY G 102 1.99 15.73 -10.17
CA GLY G 102 2.10 15.13 -11.49
C GLY G 102 2.23 13.62 -11.40
N THR G 103 2.58 13.01 -12.53
CA THR G 103 2.77 11.57 -12.67
C THR G 103 4.23 11.18 -12.44
N THR G 104 4.72 11.44 -11.22
CA THR G 104 6.12 11.20 -10.88
C THR G 104 6.36 10.17 -9.75
N GLY G 105 5.51 10.13 -8.75
CA GLY G 105 5.51 8.97 -7.84
C GLY G 105 4.43 7.96 -8.17
N TRP G 106 4.08 7.13 -7.19
CA TRP G 106 3.08 6.10 -7.37
C TRP G 106 1.71 6.54 -6.88
N GLY G 107 1.33 7.78 -7.16
CA GLY G 107 -0.05 8.20 -6.95
C GLY G 107 -0.43 8.21 -5.49
N TRP G 108 -1.62 7.71 -5.20
CA TRP G 108 -2.13 7.67 -3.84
C TRP G 108 -1.35 6.72 -2.95
N LEU G 109 -0.50 5.89 -3.55
CA LEU G 109 0.38 5.08 -2.73
C LEU G 109 1.57 5.88 -2.20
N GLY G 110 1.88 6.99 -2.85
CA GLY G 110 2.91 7.91 -2.37
C GLY G 110 2.43 8.81 -1.25
N LYS G 111 3.35 9.53 -0.61
CA LYS G 111 2.96 10.56 0.34
C LYS G 111 1.88 11.40 -0.32
N PRO G 112 0.82 11.73 0.42
CA PRO G 112 -0.31 12.46 -0.16
C PRO G 112 -0.05 13.94 -0.44
N ILE G 113 0.98 14.51 0.17
CA ILE G 113 1.35 15.86 -0.19
C ILE G 113 2.73 15.91 -0.80
N GLY G 114 2.81 16.31 -2.05
CA GLY G 114 4.08 16.50 -2.72
C GLY G 114 4.11 17.85 -3.40
N ALA G 115 4.92 17.93 -4.45
CA ALA G 115 5.00 19.10 -5.28
C ALA G 115 3.76 19.16 -6.16
N PHE G 116 3.36 20.38 -6.52
CA PHE G 116 2.12 20.58 -7.23
C PHE G 116 2.43 20.86 -8.68
N ALA G 117 2.32 19.83 -9.52
CA ALA G 117 2.61 19.97 -10.94
C ALA G 117 1.42 20.59 -11.68
N HIS G 118 0.22 20.43 -11.14
CA HIS G 118 -0.95 20.96 -11.82
C HIS G 118 -1.79 21.82 -10.89
N TRP G 119 -2.22 22.95 -11.42
CA TRP G 119 -2.95 23.95 -10.64
C TRP G 119 -4.20 24.32 -11.39
N GLY G 120 -5.27 24.60 -10.65
CA GLY G 120 -6.37 25.40 -11.18
C GLY G 120 -6.01 26.87 -11.38
N GLN G 121 -6.91 27.63 -12.00
CA GLN G 121 -6.63 29.03 -12.34
C GLN G 121 -6.90 29.95 -11.16
N GLY G 122 -7.44 29.39 -10.08
CA GLY G 122 -7.72 30.16 -8.87
C GLY G 122 -9.16 30.70 -8.84
N THR G 123 -9.70 30.82 -7.64
CA THR G 123 -11.01 31.43 -7.42
C THR G 123 -10.88 32.53 -6.38
N LEU G 124 -11.15 33.76 -6.79
CA LEU G 124 -11.15 34.90 -5.87
C LEU G 124 -12.40 34.84 -5.02
N VAL G 125 -12.23 34.85 -3.71
CA VAL G 125 -13.33 35.05 -2.78
C VAL G 125 -13.12 36.38 -2.05
N THR G 126 -14.07 37.29 -2.23
CA THR G 126 -14.00 38.58 -1.58
C THR G 126 -15.06 38.66 -0.51
N VAL G 127 -14.63 38.97 0.71
CA VAL G 127 -15.56 39.17 1.81
C VAL G 127 -15.86 40.65 2.00
N SER G 128 -17.13 41.02 1.95
CA SER G 128 -17.57 42.30 2.49
C SER G 128 -19.08 42.37 2.66
N GLU H 1 6.29 23.88 12.99
CA GLU H 1 6.33 23.86 11.50
C GLU H 1 7.71 24.26 11.02
N ILE H 2 8.04 23.85 9.79
CA ILE H 2 9.22 24.36 9.11
C ILE H 2 8.94 25.72 8.48
N VAL H 3 9.61 26.75 8.99
CA VAL H 3 9.56 28.07 8.38
C VAL H 3 10.59 28.17 7.26
N LEU H 4 10.13 28.59 6.08
CA LEU H 4 11.02 28.80 4.95
C LEU H 4 11.18 30.29 4.70
N THR H 5 12.43 30.72 4.59
CA THR H 5 12.74 32.13 4.42
C THR H 5 13.46 32.31 3.09
N GLN H 6 12.86 33.08 2.20
CA GLN H 6 13.46 33.33 0.90
C GLN H 6 14.17 34.67 0.86
N SER H 7 15.24 34.71 0.10
CA SER H 7 15.93 35.97 -0.18
C SER H 7 16.53 35.92 -1.59
N PRO H 8 16.77 37.10 -2.19
CA PRO H 8 16.27 38.37 -1.66
C PRO H 8 14.76 38.47 -1.77
N GLY H 9 14.17 39.45 -1.09
CA GLY H 9 12.75 39.75 -1.25
C GLY H 9 12.43 40.17 -2.68
N THR H 10 13.28 41.04 -3.22
CA THR H 10 13.12 41.55 -4.57
C THR H 10 14.49 41.73 -5.20
N GLN H 11 14.60 41.43 -6.50
CA GLN H 11 15.80 41.76 -7.24
C GLN H 11 15.49 42.12 -8.69
N SER H 12 16.38 42.89 -9.27
CA SER H 12 16.23 43.31 -10.66
C SER H 12 17.48 43.02 -11.48
N LEU H 13 17.29 42.36 -12.61
CA LEU H 13 18.40 41.95 -13.46
C LEU H 13 18.09 42.36 -14.89
N SER H 14 19.09 42.25 -15.76
CA SER H 14 18.89 42.46 -17.18
C SER H 14 18.71 41.11 -17.89
N PRO H 15 18.08 41.15 -19.07
CA PRO H 15 17.88 39.94 -19.86
C PRO H 15 19.21 39.30 -20.25
N GLY H 16 19.25 37.97 -20.31
CA GLY H 16 20.46 37.26 -20.64
C GLY H 16 21.29 36.91 -19.41
N GLU H 17 21.03 37.61 -18.30
CA GLU H 17 21.81 37.43 -17.08
C GLU H 17 21.28 36.28 -16.23
N ARG H 18 22.10 35.88 -15.26
CA ARG H 18 21.78 34.75 -14.39
C ARG H 18 21.29 35.25 -13.03
N ALA H 19 20.14 34.74 -12.59
CA ALA H 19 19.60 35.07 -11.29
C ALA H 19 19.79 33.93 -10.30
N THR H 20 20.13 34.27 -9.05
CA THR H 20 20.19 33.30 -7.95
C THR H 20 19.10 33.64 -6.93
N LEU H 21 18.40 32.60 -6.47
CA LEU H 21 17.36 32.76 -5.45
C LEU H 21 17.59 31.75 -4.33
N SER H 22 17.48 32.23 -3.09
CA SER H 22 17.79 31.43 -1.94
C SER H 22 16.55 31.08 -1.14
N CYS H 23 16.52 29.87 -0.62
CA CYS H 23 15.47 29.44 0.28
C CYS H 23 16.16 28.79 1.48
N ARG H 24 15.87 29.30 2.67
CA ARG H 24 16.48 28.76 3.88
C ARG H 24 15.44 28.23 4.84
N ALA H 25 15.73 27.07 5.44
CA ALA H 25 14.74 26.35 6.23
C ALA H 25 15.12 26.39 7.70
N SER H 26 14.13 26.61 8.56
CA SER H 26 14.36 26.62 9.99
C SER H 26 14.72 25.24 10.56
N GLN H 27 14.37 24.17 9.85
CA GLN H 27 14.90 22.84 10.13
C GLN H 27 15.28 22.13 8.83
N SER H 28 16.04 21.06 8.96
CA SER H 28 16.42 20.25 7.81
C SER H 28 15.18 19.73 7.06
N VAL H 29 15.19 19.86 5.75
CA VAL H 29 14.09 19.37 4.91
C VAL H 29 14.33 17.93 4.50
N GLY H 30 13.45 17.03 4.94
CA GLY H 30 13.66 15.59 4.77
C GLY H 30 13.69 15.15 3.32
N ASN H 31 14.69 14.34 2.98
CA ASN H 31 14.84 13.77 1.64
CA ASN H 31 14.86 13.78 1.65
C ASN H 31 14.85 14.85 0.56
N ASN H 32 15.31 16.05 0.92
CA ASN H 32 15.36 17.17 -0.02
C ASN H 32 14.06 17.41 -0.76
N LYS H 33 12.94 17.24 -0.07
CA LYS H 33 11.62 17.48 -0.66
C LYS H 33 11.33 18.97 -0.66
N LEU H 34 11.96 19.66 -1.59
CA LEU H 34 11.83 21.10 -1.75
C LEU H 34 11.53 21.41 -3.21
N ALA H 35 10.47 22.15 -3.45
CA ALA H 35 10.05 22.52 -4.79
C ALA H 35 10.19 24.02 -4.99
N TRP H 36 10.34 24.41 -6.25
CA TRP H 36 10.25 25.83 -6.64
C TRP H 36 9.11 26.08 -7.63
N TYR H 37 8.46 27.21 -7.48
CA TYR H 37 7.37 27.62 -8.36
C TYR H 37 7.63 29.00 -8.94
N GLN H 38 7.24 29.19 -10.19
CA GLN H 38 7.15 30.51 -10.80
C GLN H 38 5.70 30.96 -10.87
N GLN H 39 5.43 32.19 -10.43
CA GLN H 39 4.10 32.76 -10.57
C GLN H 39 4.15 34.11 -11.27
N ARG H 40 3.69 34.14 -12.51
CA ARG H 40 3.52 35.37 -13.27
C ARG H 40 2.28 36.11 -12.81
N PRO H 41 2.23 37.42 -13.04
CA PRO H 41 1.09 38.23 -12.64
C PRO H 41 -0.24 37.71 -13.16
N GLY H 42 -1.21 37.56 -12.26
CA GLY H 42 -2.55 37.14 -12.63
C GLY H 42 -2.69 35.63 -12.73
N GLN H 43 -1.57 34.91 -12.72
CA GLN H 43 -1.57 33.49 -13.09
C GLN H 43 -1.36 32.57 -11.89
N ALA H 44 -1.69 31.30 -12.08
CA ALA H 44 -1.39 30.27 -11.13
C ALA H 44 0.10 29.97 -11.11
N PRO H 45 0.62 29.56 -9.96
CA PRO H 45 1.97 28.99 -9.87
C PRO H 45 2.23 27.89 -10.92
N ARG H 46 3.48 27.81 -11.36
CA ARG H 46 3.93 26.75 -12.24
C ARG H 46 5.17 26.07 -11.61
N LEU H 47 5.18 24.75 -11.55
CA LEU H 47 6.27 24.00 -10.93
C LEU H 47 7.53 24.03 -11.79
N LEU H 48 8.63 24.48 -11.22
CA LEU H 48 9.92 24.52 -11.92
C LEU H 48 10.84 23.39 -11.49
N ILE H 49 10.85 23.12 -10.19
CA ILE H 49 11.77 22.17 -9.60
C ILE H 49 11.04 21.38 -8.50
N TYR H 50 11.35 20.09 -8.42
CA TYR H 50 11.00 19.31 -7.25
C TYR H 50 12.17 18.40 -6.85
N GLY H 51 12.08 17.84 -5.65
CA GLY H 51 13.21 17.12 -5.07
C GLY H 51 14.49 17.93 -5.04
N ALA H 52 14.34 19.24 -4.87
CA ALA H 52 15.46 20.16 -4.75
C ALA H 52 16.18 20.42 -6.07
N SER H 53 16.29 19.40 -6.94
CA SER H 53 17.08 19.54 -8.16
C SER H 53 16.45 18.91 -9.41
N SER H 54 15.25 18.38 -9.28
CA SER H 54 14.61 17.70 -10.40
C SER H 54 13.66 18.63 -11.17
N ARG H 55 13.71 18.54 -12.49
CA ARG H 55 12.96 19.43 -13.36
C ARG H 55 11.86 18.68 -14.08
N PRO H 56 10.60 19.13 -13.93
CA PRO H 56 9.50 18.51 -14.66
C PRO H 56 9.67 18.52 -16.17
N SER H 57 8.98 17.60 -16.86
CA SER H 57 8.85 17.67 -18.32
C SER H 57 8.40 19.05 -18.78
N GLY H 58 9.07 19.59 -19.78
CA GLY H 58 8.65 20.84 -20.39
C GLY H 58 9.25 22.08 -19.74
N VAL H 59 10.00 21.92 -18.65
CA VAL H 59 10.64 23.06 -18.01
C VAL H 59 12.06 23.22 -18.57
N ALA H 60 12.36 24.41 -19.06
CA ALA H 60 13.63 24.64 -19.76
C ALA H 60 14.79 24.42 -18.79
N ASP H 61 15.92 23.94 -19.31
CA ASP H 61 17.04 23.52 -18.47
C ASP H 61 17.83 24.71 -17.95
N ARG H 62 17.41 25.90 -18.31
CA ARG H 62 18.02 27.10 -17.75
C ARG H 62 17.55 27.35 -16.32
N PHE H 63 16.48 26.67 -15.93
CA PHE H 63 16.10 26.59 -14.51
C PHE H 63 16.81 25.43 -13.83
N SER H 64 17.51 25.72 -12.75
CA SER H 64 18.36 24.72 -12.09
C SER H 64 18.23 24.80 -10.56
N GLY H 65 17.94 23.67 -9.93
CA GLY H 65 17.81 23.61 -8.48
C GLY H 65 19.02 22.93 -7.86
N SER H 66 19.45 23.44 -6.70
CA SER H 66 20.54 22.83 -5.96
C SER H 66 20.39 23.02 -4.46
N GLY H 67 21.24 22.33 -3.70
CA GLY H 67 21.28 22.50 -2.25
C GLY H 67 20.70 21.31 -1.49
N SER H 68 20.77 21.38 -0.16
CA SER H 68 20.22 20.34 0.69
C SER H 68 20.17 20.81 2.15
N GLY H 69 19.60 19.99 3.01
CA GLY H 69 19.54 20.31 4.43
C GLY H 69 18.63 21.47 4.70
N THR H 70 19.22 22.63 5.01
CA THR H 70 18.46 23.84 5.31
C THR H 70 18.72 24.99 4.32
N ASP H 71 19.46 24.73 3.25
CA ASP H 71 19.94 25.79 2.37
C ASP H 71 19.79 25.42 0.90
N PHE H 72 18.83 26.05 0.21
CA PHE H 72 18.45 25.64 -1.15
C PHE H 72 18.50 26.83 -2.12
N THR H 73 18.81 26.55 -3.38
CA THR H 73 19.08 27.59 -4.36
C THR H 73 18.39 27.27 -5.68
N LEU H 74 17.69 28.25 -6.23
CA LEU H 74 17.23 28.21 -7.61
C LEU H 74 18.07 29.17 -8.44
N THR H 75 18.57 28.68 -9.56
CA THR H 75 19.33 29.51 -10.48
C THR H 75 18.61 29.55 -11.82
N ILE H 76 18.38 30.77 -12.31
CA ILE H 76 17.76 30.97 -13.62
C ILE H 76 18.77 31.59 -14.53
N SER H 77 19.18 30.85 -15.56
CA SER H 77 20.14 31.35 -16.52
C SER H 77 19.43 31.96 -17.72
N ARG H 78 20.13 32.81 -18.43
CA ARG H 78 19.59 33.43 -19.64
C ARG H 78 18.17 33.98 -19.44
N LEU H 79 18.02 34.87 -18.47
CA LEU H 79 16.73 35.49 -18.16
C LEU H 79 16.03 36.05 -19.40
N GLU H 80 14.72 35.86 -19.46
CA GLU H 80 13.88 36.50 -20.46
C GLU H 80 12.85 37.40 -19.78
N PRO H 81 12.31 38.38 -20.54
CA PRO H 81 11.20 39.18 -20.04
C PRO H 81 10.11 38.33 -19.37
N GLU H 82 9.84 37.15 -19.90
CA GLU H 82 8.80 36.28 -19.37
C GLU H 82 9.10 35.76 -17.97
N ASP H 83 10.35 35.89 -17.51
CA ASP H 83 10.74 35.41 -16.20
C ASP H 83 10.35 36.42 -15.12
N PHE H 84 9.84 37.56 -15.54
CA PHE H 84 9.34 38.55 -14.59
C PHE H 84 8.22 37.92 -13.81
N ALA H 85 8.51 37.55 -12.57
CA ALA H 85 7.54 36.85 -11.77
C ALA H 85 7.94 36.80 -10.31
N VAL H 86 7.03 36.24 -9.50
CA VAL H 86 7.36 35.91 -8.12
C VAL H 86 7.66 34.42 -8.04
N TYR H 87 8.67 34.07 -7.28
CA TYR H 87 9.12 32.68 -7.17
C TYR H 87 9.00 32.21 -5.73
N TYR H 88 8.42 31.02 -5.53
CA TYR H 88 8.16 30.48 -4.20
C TYR H 88 8.89 29.16 -4.04
N CYS H 89 9.46 28.91 -2.87
CA CYS H 89 9.87 27.57 -2.50
C CYS H 89 8.81 26.91 -1.62
N GLN H 90 8.87 25.60 -1.51
CA GLN H 90 7.90 24.81 -0.76
C GLN H 90 8.61 23.57 -0.27
N GLN H 91 8.50 23.27 1.02
CA GLN H 91 8.93 21.98 1.56
C GLN H 91 7.72 21.06 1.76
N TYR H 92 7.86 19.81 1.35
CA TYR H 92 6.85 18.79 1.59
C TYR H 92 7.52 17.54 2.16
N GLY H 93 8.56 17.74 2.97
CA GLY H 93 9.24 16.65 3.67
C GLY H 93 8.52 16.23 4.94
N GLN H 94 7.51 17.01 5.31
CA GLN H 94 6.58 16.61 6.35
C GLN H 94 5.16 16.72 5.79
N SER H 95 4.20 16.06 6.44
CA SER H 95 2.81 16.08 5.97
C SER H 95 2.16 17.46 6.12
N LEU H 96 2.71 18.31 6.98
CA LEU H 96 2.41 19.75 6.96
C LEU H 96 3.33 20.52 6.01
N SER H 97 2.84 20.74 4.79
CA SER H 97 3.61 21.50 3.80
C SER H 97 3.60 23.00 4.09
N THR H 98 4.73 23.66 3.85
CA THR H 98 4.82 25.11 4.01
C THR H 98 5.53 25.76 2.83
N PHE H 99 5.21 27.03 2.58
CA PHE H 99 5.81 27.82 1.51
C PHE H 99 6.67 28.93 2.09
N GLY H 100 7.69 29.33 1.34
CA GLY H 100 8.37 30.59 1.58
C GLY H 100 7.50 31.77 1.20
N GLN H 101 7.97 32.97 1.52
CA GLN H 101 7.14 34.17 1.37
C GLN H 101 7.29 34.79 -0.01
N GLY H 102 8.20 34.26 -0.82
CA GLY H 102 8.29 34.65 -2.23
C GLY H 102 9.46 35.59 -2.52
N THR H 103 10.07 35.44 -3.69
CA THR H 103 11.09 36.37 -4.18
C THR H 103 10.66 36.93 -5.53
N LYS H 104 10.54 38.26 -5.63
CA LYS H 104 10.17 38.89 -6.88
C LYS H 104 11.42 39.12 -7.74
N VAL H 105 11.38 38.60 -8.96
CA VAL H 105 12.42 38.85 -9.95
C VAL H 105 11.90 39.75 -11.06
N GLU H 106 12.53 40.92 -11.20
CA GLU H 106 12.24 41.84 -12.29
C GLU H 106 13.35 41.84 -13.32
N VAL H 107 12.95 41.97 -14.58
CA VAL H 107 13.85 41.94 -15.72
C VAL H 107 13.69 43.24 -16.47
N LYS H 108 14.72 44.07 -16.45
CA LYS H 108 14.58 45.48 -16.80
C LYS H 108 15.74 45.92 -17.67
#